data_4HIH
#
_entry.id   4HIH
#
_cell.length_a   73.790
_cell.length_b   66.680
_cell.length_c   109.280
_cell.angle_alpha   90.00
_cell.angle_beta   101.28
_cell.angle_gamma   90.00
#
_symmetry.space_group_name_H-M   'P 1 21 1'
#
loop_
_entity.id
_entity.type
_entity.pdbx_description
1 polymer 'Fab 023.102'
2 polymer 'Antibody 023.102'
3 non-polymer alpha-L-rhamnopyranose
4 water water
#
loop_
_entity_poly.entity_id
_entity_poly.type
_entity_poly.pdbx_seq_one_letter_code
_entity_poly.pdbx_strand_id
1 'polypeptide(L)'
;QAGQLTQSPATLSLSPGERATLSCRASQSVTNYLAWYQQKPGQAPRLLIYGASNRATGIPARFSGSGSGTDFTLTISSLE
PEDFAVYYCQQRDNWPPDATFGQGTKVEIKRTVAAPSVFIFPPSDEQLKSGTASVVCLLNNFYPREAKVQWKVDNALQSG
NSQESVTEQDSKDSTYSLSSTLTLSKADYEKHKVYACEVTHQGLRSPVTKSFNRGECAAA
;
A,C
2 'polypeptide(L)'
;LINLVESGGGVVQPGRSLRLSCAASGFTFSRYGMHWVRQAPGKGLEWVAVVSSDGRTTYYADSVKGRFTISRDNSKNTLY
LQMNSLRAEDTAVFYCAKEGGDNKFSFDYWGQGTLVTVSSASTKGPSVFPLAPCSRSTSESTAALGCLVKDYFPEPVTVS
WNSGALTSGVHTFPAVLQSSGLYSLSSVVTVPSSNFGTQTYTCNVDHKPSNTKVDKTVERKCWARHHHHHH
;
B,D
#
loop_
_chem_comp.id
_chem_comp.type
_chem_comp.name
_chem_comp.formula
RAM L-saccharide, alpha linking alpha-L-rhamnopyranose 'C6 H12 O5'
#
# COMPACT_ATOMS: atom_id res chain seq x y z
N GLY A 3 17.73 -16.29 -24.15
CA GLY A 3 17.88 -16.89 -22.78
C GLY A 3 19.11 -16.31 -22.14
N GLN A 4 20.12 -16.07 -22.96
CA GLN A 4 21.37 -15.47 -22.52
C GLN A 4 21.92 -14.75 -23.75
N LEU A 5 22.05 -13.44 -23.61
CA LEU A 5 22.58 -12.61 -24.67
C LEU A 5 23.90 -12.11 -24.11
N THR A 6 24.98 -12.36 -24.83
CA THR A 6 26.29 -11.90 -24.39
C THR A 6 26.74 -10.79 -25.33
N GLN A 7 26.96 -9.60 -24.78
CA GLN A 7 27.37 -8.45 -25.56
C GLN A 7 28.86 -8.20 -25.46
N SER A 8 29.47 -7.73 -26.54
CA SER A 8 30.89 -7.41 -26.54
C SER A 8 31.20 -6.36 -27.60
N PRO A 9 32.22 -5.52 -27.35
CA PRO A 9 33.04 -5.56 -26.14
C PRO A 9 32.24 -4.93 -25.00
N ALA A 10 32.79 -4.92 -23.78
CA ALA A 10 32.08 -4.34 -22.65
C ALA A 10 32.11 -2.82 -22.76
N THR A 11 33.22 -2.30 -23.27
CA THR A 11 33.39 -0.86 -23.45
C THR A 11 34.08 -0.61 -24.78
N LEU A 12 33.70 0.49 -25.41
CA LEU A 12 34.25 0.87 -26.69
C LEU A 12 34.69 2.32 -26.57
N SER A 13 35.97 2.59 -26.82
CA SER A 13 36.49 3.95 -26.72
C SER A 13 36.75 4.47 -28.12
N LEU A 14 35.92 5.41 -28.56
CA LEU A 14 36.05 5.98 -29.89
C LEU A 14 35.97 7.49 -29.87
N SER A 15 36.29 8.10 -31.00
CA SER A 15 36.21 9.55 -31.14
C SER A 15 35.04 9.82 -32.06
N PRO A 16 34.47 11.03 -31.99
CA PRO A 16 33.35 11.35 -32.86
C PRO A 16 33.79 11.17 -34.31
N GLY A 17 32.94 10.57 -35.14
CA GLY A 17 33.28 10.39 -36.54
C GLY A 17 33.76 8.99 -36.87
N GLU A 18 34.16 8.24 -35.86
CA GLU A 18 34.63 6.88 -36.08
C GLU A 18 33.43 5.95 -36.13
N ARG A 19 33.67 4.72 -36.58
CA ARG A 19 32.60 3.73 -36.67
C ARG A 19 32.58 2.88 -35.43
N ALA A 20 31.39 2.64 -34.90
CA ALA A 20 31.24 1.79 -33.73
C ALA A 20 30.56 0.51 -34.17
N THR A 21 31.08 -0.63 -33.74
CA THR A 21 30.49 -1.91 -34.06
C THR A 21 30.27 -2.66 -32.75
N LEU A 22 29.03 -2.92 -32.41
CA LEU A 22 28.76 -3.66 -31.17
C LEU A 22 28.18 -4.98 -31.60
N SER A 23 28.47 -6.03 -30.84
CA SER A 23 27.92 -7.31 -31.21
C SER A 23 27.21 -7.96 -30.05
N CYS A 24 26.28 -8.83 -30.38
CA CYS A 24 25.49 -9.52 -29.37
C CYS A 24 25.35 -10.95 -29.88
N ARG A 25 25.60 -11.91 -29.00
CA ARG A 25 25.53 -13.32 -29.36
C ARG A 25 24.61 -14.11 -28.44
N ALA A 26 23.62 -14.79 -29.03
CA ALA A 26 22.68 -15.59 -28.27
C ALA A 26 23.19 -17.03 -28.13
N SER A 27 22.83 -17.68 -27.03
CA SER A 27 23.25 -19.05 -26.75
C SER A 27 22.54 -20.11 -27.59
N GLN A 28 21.49 -19.70 -28.29
CA GLN A 28 20.72 -20.58 -29.17
C GLN A 28 20.14 -19.72 -30.28
N SER A 29 19.81 -20.35 -31.40
CA SER A 29 19.22 -19.60 -32.51
C SER A 29 17.95 -18.96 -31.98
N VAL A 30 17.86 -17.65 -32.16
CA VAL A 30 16.68 -16.91 -31.72
C VAL A 30 15.64 -17.07 -32.82
N THR A 31 14.40 -17.31 -32.44
CA THR A 31 13.37 -17.46 -33.47
C THR A 31 13.02 -16.08 -34.02
N ASN A 32 13.18 -15.05 -33.19
CA ASN A 32 12.89 -13.68 -33.60
C ASN A 32 14.13 -12.80 -33.55
N TYR A 33 14.40 -12.08 -34.64
CA TYR A 33 15.56 -11.21 -34.70
C TYR A 33 15.57 -10.21 -33.55
N LEU A 34 16.77 -9.90 -33.07
CA LEU A 34 16.96 -9.00 -31.95
C LEU A 34 16.60 -7.55 -32.15
N ALA A 35 16.57 -6.83 -31.03
CA ALA A 35 16.27 -5.41 -30.98
C ALA A 35 17.39 -4.73 -30.21
N TRP A 36 17.64 -3.46 -30.50
CA TRP A 36 18.70 -2.72 -29.81
C TRP A 36 18.15 -1.46 -29.15
N TYR A 37 18.72 -1.11 -28.00
CA TYR A 37 18.31 0.07 -27.26
C TYR A 37 19.51 0.94 -26.90
N GLN A 38 19.24 2.22 -26.79
CA GLN A 38 20.25 3.16 -26.39
C GLN A 38 19.77 3.69 -25.05
N GLN A 39 20.68 3.85 -24.09
CA GLN A 39 20.28 4.40 -22.82
C GLN A 39 21.31 5.36 -22.26
N LYS A 40 20.83 6.54 -21.92
CA LYS A 40 21.68 7.55 -21.31
C LYS A 40 21.40 7.45 -19.82
N PRO A 41 22.36 7.82 -18.98
CA PRO A 41 22.21 7.75 -17.53
C PRO A 41 20.95 8.46 -17.03
N GLY A 42 20.21 7.78 -16.16
CA GLY A 42 19.00 8.36 -15.60
C GLY A 42 17.90 8.66 -16.59
N GLN A 43 17.85 7.92 -17.69
CA GLN A 43 16.81 8.10 -18.69
C GLN A 43 16.32 6.75 -19.18
N ALA A 44 15.08 6.73 -19.63
CA ALA A 44 14.48 5.51 -20.14
C ALA A 44 15.22 5.05 -21.39
N PRO A 45 15.28 3.73 -21.61
CA PRO A 45 15.95 3.19 -22.79
C PRO A 45 15.20 3.70 -24.00
N ARG A 46 15.84 3.67 -25.16
CA ARG A 46 15.20 4.13 -26.38
C ARG A 46 15.41 3.08 -27.46
N LEU A 47 14.33 2.64 -28.09
CA LEU A 47 14.42 1.64 -29.14
C LEU A 47 15.13 2.20 -30.38
N LEU A 48 16.18 1.53 -30.81
CA LEU A 48 16.93 1.96 -31.98
C LEU A 48 16.65 1.08 -33.19
N ILE A 49 16.76 -0.22 -32.97
CA ILE A 49 16.58 -1.21 -34.03
C ILE A 49 15.72 -2.38 -33.56
N TYR A 50 14.88 -2.89 -34.44
CA TYR A 50 14.05 -4.04 -34.12
C TYR A 50 14.11 -4.98 -35.32
N GLY A 51 13.86 -6.27 -35.11
CA GLY A 51 13.92 -7.21 -36.21
C GLY A 51 15.32 -7.24 -36.82
N ALA A 52 16.32 -7.08 -35.95
CA ALA A 52 17.73 -7.11 -36.35
C ALA A 52 18.23 -5.96 -37.25
N SER A 53 17.39 -5.46 -38.15
CA SER A 53 17.86 -4.43 -39.07
C SER A 53 16.95 -3.23 -39.34
N ASN A 54 15.79 -3.17 -38.72
CA ASN A 54 14.88 -2.06 -38.97
C ASN A 54 14.99 -0.92 -37.97
N ARG A 55 15.28 0.28 -38.47
CA ARG A 55 15.39 1.45 -37.61
C ARG A 55 14.02 1.86 -37.07
N ALA A 56 13.99 2.19 -35.79
CA ALA A 56 12.74 2.61 -35.16
C ALA A 56 12.46 4.06 -35.53
N THR A 57 11.31 4.55 -35.10
CA THR A 57 10.87 5.91 -35.38
C THR A 57 11.88 6.96 -34.91
N GLY A 58 12.19 7.90 -35.80
CA GLY A 58 13.12 8.97 -35.47
C GLY A 58 14.57 8.59 -35.29
N ILE A 59 14.94 7.35 -35.57
CA ILE A 59 16.33 6.93 -35.42
C ILE A 59 17.09 7.31 -36.69
N PRO A 60 18.15 8.14 -36.56
CA PRO A 60 18.91 8.54 -37.75
C PRO A 60 19.58 7.40 -38.52
N ALA A 61 19.88 7.69 -39.79
CA ALA A 61 20.50 6.74 -40.71
C ALA A 61 21.82 6.11 -40.28
N ARG A 62 22.66 6.83 -39.55
CA ARG A 62 23.95 6.29 -39.14
C ARG A 62 23.86 5.02 -38.30
N PHE A 63 22.66 4.72 -37.78
CA PHE A 63 22.44 3.52 -36.99
C PHE A 63 21.96 2.41 -37.89
N SER A 64 22.60 1.25 -37.84
CA SER A 64 22.17 0.12 -38.65
C SER A 64 22.48 -1.15 -37.89
N GLY A 65 21.75 -2.21 -38.22
CA GLY A 65 21.98 -3.48 -37.57
C GLY A 65 21.82 -4.60 -38.56
N SER A 66 22.30 -5.77 -38.16
CA SER A 66 22.20 -6.95 -39.01
C SER A 66 22.51 -8.15 -38.13
N GLY A 67 22.34 -9.32 -38.71
CA GLY A 67 22.59 -10.53 -37.98
C GLY A 67 21.46 -11.50 -38.22
N SER A 68 21.66 -12.73 -37.77
CA SER A 68 20.67 -13.78 -37.92
C SER A 68 21.19 -14.96 -37.13
N GLY A 69 20.33 -15.92 -36.87
CA GLY A 69 20.77 -17.08 -36.10
C GLY A 69 21.16 -16.70 -34.69
N THR A 70 22.47 -16.71 -34.41
CA THR A 70 22.97 -16.39 -33.07
C THR A 70 23.87 -15.16 -33.01
N ASP A 71 24.11 -14.52 -34.16
CA ASP A 71 25.00 -13.37 -34.20
C ASP A 71 24.34 -12.11 -34.73
N PHE A 72 24.36 -11.07 -33.91
CA PHE A 72 23.76 -9.81 -34.28
C PHE A 72 24.72 -8.68 -33.97
N THR A 73 24.70 -7.65 -34.81
CA THR A 73 25.55 -6.52 -34.57
C THR A 73 24.85 -5.23 -34.85
N LEU A 74 25.30 -4.22 -34.12
CA LEU A 74 24.77 -2.89 -34.22
C LEU A 74 25.92 -2.05 -34.73
N THR A 75 25.66 -1.23 -35.74
CA THR A 75 26.71 -0.39 -36.26
C THR A 75 26.30 1.06 -36.30
N ILE A 76 27.21 1.91 -35.86
CA ILE A 76 27.01 3.35 -35.88
C ILE A 76 28.11 3.80 -36.85
N SER A 77 27.71 4.09 -38.08
CA SER A 77 28.65 4.48 -39.14
C SER A 77 29.64 5.57 -38.76
N SER A 78 29.14 6.67 -38.20
CA SER A 78 30.01 7.77 -37.80
C SER A 78 29.45 8.36 -36.52
N LEU A 79 30.19 8.19 -35.43
CA LEU A 79 29.76 8.69 -34.13
C LEU A 79 29.55 10.20 -34.02
N GLU A 80 28.42 10.56 -33.44
CA GLU A 80 28.08 11.95 -33.18
C GLU A 80 28.22 12.04 -31.66
N PRO A 81 28.51 13.24 -31.13
CA PRO A 81 28.67 13.45 -29.68
C PRO A 81 27.54 12.87 -28.82
N GLU A 82 26.31 12.90 -29.34
CA GLU A 82 25.18 12.37 -28.56
C GLU A 82 25.08 10.85 -28.53
N ASP A 83 25.93 10.16 -29.30
CA ASP A 83 25.89 8.70 -29.36
C ASP A 83 26.66 7.97 -28.26
N PHE A 84 27.47 8.70 -27.50
CA PHE A 84 28.21 8.08 -26.40
C PHE A 84 27.22 7.80 -25.30
N ALA A 85 26.95 6.50 -25.10
CA ALA A 85 26.00 6.05 -24.11
C ALA A 85 26.13 4.55 -23.98
N VAL A 86 25.12 3.92 -23.39
CA VAL A 86 25.12 2.47 -23.24
C VAL A 86 24.12 1.88 -24.21
N TYR A 87 24.48 0.74 -24.81
CA TYR A 87 23.62 0.05 -25.77
C TYR A 87 23.34 -1.37 -25.31
N TYR A 88 22.09 -1.80 -25.42
CA TYR A 88 21.65 -3.14 -25.01
C TYR A 88 20.98 -3.86 -26.16
N CYS A 89 21.19 -5.17 -26.27
CA CYS A 89 20.48 -5.94 -27.28
C CYS A 89 19.41 -6.63 -26.46
N GLN A 90 18.33 -7.04 -27.11
CA GLN A 90 17.23 -7.66 -26.40
C GLN A 90 16.51 -8.70 -27.24
N GLN A 91 16.10 -9.77 -26.57
CA GLN A 91 15.42 -10.88 -27.22
C GLN A 91 14.09 -11.18 -26.53
N ARG A 92 13.14 -11.73 -27.29
CA ARG A 92 11.86 -12.12 -26.74
C ARG A 92 11.16 -13.06 -27.71
N ASP A 93 10.57 -14.12 -27.15
CA ASP A 93 9.85 -15.11 -27.94
C ASP A 93 8.36 -14.90 -27.71
N ASN A 94 7.57 -15.65 -28.48
CA ASN A 94 6.13 -15.58 -28.34
C ASN A 94 5.78 -16.28 -27.03
N TRP A 95 6.44 -17.41 -26.76
CA TRP A 95 6.24 -18.16 -25.53
C TRP A 95 7.40 -19.11 -25.22
N PRO A 96 7.93 -19.06 -23.99
CA PRO A 96 7.51 -18.16 -22.91
C PRO A 96 7.71 -16.71 -23.39
N PRO A 97 6.96 -15.75 -22.84
CA PRO A 97 7.00 -14.34 -23.21
C PRO A 97 8.06 -13.44 -22.58
N ASP A 98 8.85 -13.97 -21.65
CA ASP A 98 9.85 -13.14 -20.99
C ASP A 98 10.91 -12.62 -21.94
N ALA A 99 11.34 -11.39 -21.70
CA ALA A 99 12.39 -10.80 -22.52
C ALA A 99 13.73 -10.98 -21.82
N THR A 100 14.80 -11.07 -22.62
CA THR A 100 16.14 -11.20 -22.09
C THR A 100 16.92 -10.01 -22.66
N PHE A 101 17.88 -9.52 -21.88
CA PHE A 101 18.69 -8.39 -22.29
C PHE A 101 20.18 -8.72 -22.24
N GLY A 102 20.96 -8.07 -23.12
CA GLY A 102 22.38 -8.26 -23.09
C GLY A 102 22.84 -7.46 -21.88
N GLN A 103 24.08 -7.61 -21.44
CA GLN A 103 24.52 -6.85 -20.27
C GLN A 103 24.99 -5.43 -20.62
N GLY A 104 24.87 -5.06 -21.89
CA GLY A 104 25.22 -3.72 -22.31
C GLY A 104 26.65 -3.40 -22.70
N THR A 105 26.78 -2.53 -23.70
CA THR A 105 28.08 -2.09 -24.18
C THR A 105 28.12 -0.59 -24.00
N LYS A 106 29.18 -0.13 -23.35
CA LYS A 106 29.34 1.28 -23.06
C LYS A 106 30.24 1.95 -24.11
N VAL A 107 29.70 2.92 -24.84
CA VAL A 107 30.49 3.63 -25.85
C VAL A 107 30.99 4.91 -25.23
N GLU A 108 32.31 4.99 -25.10
CA GLU A 108 32.97 6.11 -24.44
C GLU A 108 33.86 6.94 -25.37
N ILE A 109 34.12 8.18 -24.97
CA ILE A 109 34.93 9.13 -25.74
C ILE A 109 36.44 8.95 -25.57
N LYS A 110 37.12 8.63 -26.68
CA LYS A 110 38.57 8.46 -26.62
C LYS A 110 39.22 9.82 -26.47
N ARG A 111 40.41 9.84 -25.89
CA ARG A 111 41.09 11.08 -25.61
C ARG A 111 42.56 10.73 -25.29
N THR A 112 43.47 11.71 -25.22
CA THR A 112 44.86 11.36 -24.89
C THR A 112 44.98 10.93 -23.43
N VAL A 113 46.06 10.23 -23.10
CA VAL A 113 46.29 9.76 -21.74
C VAL A 113 46.52 10.94 -20.79
N ALA A 114 45.95 10.86 -19.61
CA ALA A 114 46.12 11.91 -18.60
C ALA A 114 46.20 11.24 -17.24
N ALA A 115 47.34 11.38 -16.58
CA ALA A 115 47.51 10.78 -15.26
C ALA A 115 46.67 11.52 -14.24
N PRO A 116 46.19 10.81 -13.23
CA PRO A 116 45.37 11.49 -12.21
C PRO A 116 46.25 12.29 -11.27
N SER A 117 45.68 13.34 -10.70
CA SER A 117 46.36 14.13 -9.69
C SER A 117 45.77 13.49 -8.45
N VAL A 118 46.61 12.94 -7.58
CA VAL A 118 46.15 12.27 -6.36
C VAL A 118 46.23 13.14 -5.11
N PHE A 119 45.21 13.02 -4.27
CA PHE A 119 45.14 13.78 -3.02
C PHE A 119 44.58 12.85 -1.94
N ILE A 120 45.08 12.98 -0.72
CA ILE A 120 44.53 12.16 0.36
C ILE A 120 44.02 13.12 1.45
N PHE A 121 42.88 12.77 2.05
CA PHE A 121 42.29 13.61 3.09
C PHE A 121 42.11 12.83 4.36
N PRO A 122 42.66 13.33 5.46
CA PRO A 122 42.49 12.60 6.71
C PRO A 122 41.11 12.91 7.24
N PRO A 123 40.60 12.09 8.18
CA PRO A 123 39.27 12.41 8.70
C PRO A 123 39.35 13.76 9.43
N SER A 124 38.30 14.55 9.36
CA SER A 124 38.28 15.85 10.03
C SER A 124 38.14 15.63 11.52
N ASP A 125 38.64 16.57 12.32
CA ASP A 125 38.50 16.45 13.77
C ASP A 125 37.01 16.44 14.10
N GLU A 126 36.25 17.20 13.33
CA GLU A 126 34.82 17.28 13.53
C GLU A 126 34.16 15.90 13.45
N GLN A 127 34.54 15.12 12.44
CA GLN A 127 33.99 13.78 12.28
C GLN A 127 34.47 12.86 13.40
N LEU A 128 35.73 13.02 13.80
CA LEU A 128 36.27 12.17 14.86
C LEU A 128 35.50 12.31 16.18
N LYS A 129 34.88 13.47 16.40
CA LYS A 129 34.08 13.71 17.61
C LYS A 129 32.86 12.84 17.45
N SER A 130 32.39 12.79 16.22
CA SER A 130 31.22 12.03 15.80
C SER A 130 31.38 10.55 16.17
N GLY A 131 32.63 10.08 16.19
CA GLY A 131 32.88 8.68 16.53
C GLY A 131 33.21 7.79 15.34
N THR A 132 33.43 8.41 14.19
CA THR A 132 33.73 7.66 12.97
C THR A 132 34.91 8.29 12.26
N ALA A 133 35.51 7.53 11.35
CA ALA A 133 36.65 8.03 10.59
C ALA A 133 36.51 7.67 9.12
N SER A 134 36.63 8.68 8.27
CA SER A 134 36.57 8.47 6.84
C SER A 134 37.84 9.06 6.25
N VAL A 135 38.62 8.20 5.59
CA VAL A 135 39.84 8.64 4.96
C VAL A 135 39.49 8.67 3.48
N VAL A 136 39.71 9.81 2.83
CA VAL A 136 39.36 9.94 1.42
C VAL A 136 40.55 10.12 0.49
N CYS A 137 40.54 9.34 -0.59
CA CYS A 137 41.57 9.43 -1.61
C CYS A 137 40.88 9.86 -2.90
N LEU A 138 41.41 10.92 -3.50
CA LEU A 138 40.86 11.48 -4.72
C LEU A 138 41.81 11.35 -5.90
N LEU A 139 41.29 10.87 -7.03
CA LEU A 139 42.05 10.72 -8.26
C LEU A 139 41.37 11.70 -9.22
N ASN A 140 42.06 12.79 -9.51
CA ASN A 140 41.46 13.82 -10.35
C ASN A 140 41.84 13.90 -11.81
N ASN A 141 40.81 14.00 -12.64
CA ASN A 141 40.93 14.18 -14.08
C ASN A 141 41.93 13.28 -14.81
N PHE A 142 41.62 12.00 -14.86
CA PHE A 142 42.49 11.05 -15.53
C PHE A 142 41.82 10.38 -16.72
N TYR A 143 42.64 9.76 -17.56
CA TYR A 143 42.14 9.03 -18.73
C TYR A 143 43.26 8.08 -19.16
N PRO A 144 42.93 6.82 -19.48
CA PRO A 144 41.60 6.22 -19.50
C PRO A 144 41.00 5.91 -18.13
N ARG A 145 39.82 5.32 -18.16
CA ARG A 145 39.06 4.98 -16.96
C ARG A 145 39.73 4.05 -15.96
N GLU A 146 40.32 2.95 -16.43
CA GLU A 146 40.91 2.00 -15.52
C GLU A 146 41.96 2.62 -14.62
N ALA A 147 41.79 2.38 -13.35
CA ALA A 147 42.69 2.91 -12.33
C ALA A 147 42.55 2.01 -11.13
N LYS A 148 43.66 1.77 -10.44
CA LYS A 148 43.62 0.92 -9.27
C LYS A 148 44.04 1.71 -8.05
N VAL A 149 43.22 1.62 -7.01
CA VAL A 149 43.48 2.31 -5.75
C VAL A 149 43.66 1.25 -4.68
N GLN A 150 44.73 1.39 -3.91
CA GLN A 150 45.03 0.43 -2.85
C GLN A 150 45.29 1.17 -1.54
N TRP A 151 44.54 0.79 -0.51
CA TRP A 151 44.68 1.41 0.81
C TRP A 151 45.57 0.57 1.72
N LYS A 152 46.41 1.26 2.48
CA LYS A 152 47.28 0.59 3.43
C LYS A 152 47.34 1.38 4.73
N VAL A 153 47.15 0.67 5.83
CA VAL A 153 47.19 1.27 7.16
C VAL A 153 48.36 0.60 7.87
N ASP A 154 49.41 1.38 8.13
CA ASP A 154 50.61 0.86 8.75
C ASP A 154 51.10 -0.36 7.99
N ASN A 155 51.07 -0.25 6.66
CA ASN A 155 51.54 -1.31 5.78
C ASN A 155 50.59 -2.49 5.57
N ALA A 156 49.46 -2.50 6.26
CA ALA A 156 48.50 -3.59 6.07
C ALA A 156 47.52 -3.23 4.96
N LEU A 157 47.39 -4.11 3.97
CA LEU A 157 46.49 -3.92 2.83
C LEU A 157 45.04 -3.97 3.32
N GLN A 158 44.28 -2.93 3.00
CA GLN A 158 42.89 -2.85 3.41
C GLN A 158 41.98 -3.48 2.37
N SER A 159 41.16 -4.43 2.80
CA SER A 159 40.27 -5.09 1.88
C SER A 159 38.85 -5.22 2.41
N GLY A 160 37.89 -4.70 1.65
CA GLY A 160 36.50 -4.77 2.03
C GLY A 160 35.94 -3.63 2.88
N ASN A 161 36.75 -2.62 3.16
CA ASN A 161 36.27 -1.50 3.98
C ASN A 161 36.37 -0.15 3.28
N SER A 162 36.38 -0.18 1.95
CA SER A 162 36.44 1.05 1.17
C SER A 162 35.40 0.96 0.06
N GLN A 163 34.96 2.11 -0.42
CA GLN A 163 34.01 2.15 -1.53
C GLN A 163 34.49 3.29 -2.41
N GLU A 164 34.25 3.16 -3.70
CA GLU A 164 34.66 4.22 -4.58
C GLU A 164 33.52 4.65 -5.48
N SER A 165 33.65 5.84 -6.00
CA SER A 165 32.65 6.44 -6.84
C SER A 165 33.37 7.15 -7.97
N VAL A 166 32.81 7.10 -9.19
CA VAL A 166 33.44 7.75 -10.34
C VAL A 166 32.48 8.69 -11.07
N THR A 167 32.97 9.86 -11.46
CA THR A 167 32.14 10.80 -12.19
C THR A 167 32.00 10.32 -13.62
N GLU A 168 31.08 10.94 -14.34
CA GLU A 168 30.87 10.60 -15.75
C GLU A 168 31.97 11.36 -16.48
N GLN A 169 32.27 10.92 -17.69
CA GLN A 169 33.30 11.58 -18.48
C GLN A 169 33.00 13.09 -18.50
N ASP A 170 34.00 13.90 -18.16
CA ASP A 170 33.82 15.34 -18.11
C ASP A 170 33.32 15.87 -19.45
N SER A 171 32.35 16.78 -19.38
CA SER A 171 31.75 17.37 -20.57
C SER A 171 32.76 18.18 -21.40
N LYS A 172 33.74 18.76 -20.73
CA LYS A 172 34.75 19.57 -21.39
C LYS A 172 36.03 18.84 -21.82
N ASP A 173 36.71 18.17 -20.89
CA ASP A 173 37.96 17.50 -21.24
C ASP A 173 37.91 15.97 -21.37
N SER A 174 36.73 15.38 -21.18
CA SER A 174 36.56 13.94 -21.31
C SER A 174 37.32 13.06 -20.29
N THR A 175 37.73 13.64 -19.17
CA THR A 175 38.42 12.84 -18.16
C THR A 175 37.43 12.31 -17.13
N TYR A 176 37.96 11.46 -16.25
CA TYR A 176 37.19 10.87 -15.18
C TYR A 176 37.85 11.34 -13.90
N SER A 177 37.11 11.26 -12.80
CA SER A 177 37.62 11.61 -11.49
C SER A 177 37.02 10.54 -10.62
N LEU A 178 37.75 10.13 -9.59
CA LEU A 178 37.27 9.07 -8.74
C LEU A 178 37.68 9.32 -7.31
N SER A 179 36.84 8.89 -6.39
CA SER A 179 37.16 9.04 -4.98
C SER A 179 36.97 7.69 -4.32
N SER A 180 37.87 7.37 -3.40
CA SER A 180 37.81 6.12 -2.67
C SER A 180 37.78 6.51 -1.21
N THR A 181 36.78 6.02 -0.49
CA THR A 181 36.63 6.32 0.92
C THR A 181 36.85 5.11 1.81
N LEU A 182 37.82 5.20 2.70
CA LEU A 182 38.13 4.12 3.62
C LEU A 182 37.41 4.39 4.94
N THR A 183 36.60 3.44 5.39
CA THR A 183 35.88 3.62 6.64
C THR A 183 36.49 2.80 7.77
N LEU A 184 36.69 3.47 8.89
CA LEU A 184 37.28 2.84 10.07
C LEU A 184 36.57 3.34 11.31
N SER A 185 36.61 2.54 12.36
CA SER A 185 36.00 2.95 13.60
C SER A 185 37.00 3.98 14.10
N LYS A 186 36.53 4.91 14.91
CA LYS A 186 37.44 5.91 15.44
C LYS A 186 38.53 5.19 16.24
N ALA A 187 38.11 4.22 17.04
CA ALA A 187 39.02 3.45 17.86
C ALA A 187 40.21 2.92 17.07
N ASP A 188 39.92 2.26 15.95
CA ASP A 188 41.00 1.72 15.12
C ASP A 188 41.83 2.81 14.46
N TYR A 189 41.15 3.86 13.99
CA TYR A 189 41.86 4.96 13.36
C TYR A 189 42.98 5.42 14.29
N GLU A 190 42.65 5.57 15.58
CA GLU A 190 43.60 6.01 16.60
C GLU A 190 44.69 4.99 16.92
N LYS A 191 44.49 3.75 16.51
CA LYS A 191 45.44 2.68 16.75
C LYS A 191 46.55 2.59 15.73
N HIS A 192 46.43 3.35 14.64
CA HIS A 192 47.45 3.30 13.62
C HIS A 192 48.03 4.64 13.28
N LYS A 193 49.14 4.62 12.56
CA LYS A 193 49.85 5.83 12.23
C LYS A 193 49.89 6.25 10.77
N VAL A 194 50.35 5.36 9.90
CA VAL A 194 50.47 5.68 8.48
C VAL A 194 49.30 5.23 7.63
N TYR A 195 48.63 6.22 7.03
CA TYR A 195 47.50 5.97 6.14
C TYR A 195 47.98 6.28 4.75
N ALA A 196 47.89 5.31 3.85
CA ALA A 196 48.37 5.52 2.50
C ALA A 196 47.45 5.03 1.39
N CYS A 197 47.38 5.85 0.35
CA CYS A 197 46.59 5.55 -0.83
C CYS A 197 47.56 5.40 -1.99
N GLU A 198 47.62 4.21 -2.57
CA GLU A 198 48.52 3.95 -3.69
C GLU A 198 47.69 3.82 -4.95
N VAL A 199 48.00 4.66 -5.94
CA VAL A 199 47.27 4.68 -7.21
C VAL A 199 48.11 4.19 -8.39
N THR A 200 47.54 3.26 -9.15
CA THR A 200 48.20 2.71 -10.33
C THR A 200 47.40 3.13 -11.55
N HIS A 201 48.06 3.77 -12.51
CA HIS A 201 47.39 4.21 -13.70
C HIS A 201 48.34 4.33 -14.88
N GLN A 202 47.76 4.19 -16.07
CA GLN A 202 48.48 4.26 -17.33
C GLN A 202 49.39 5.49 -17.50
N GLY A 203 48.91 6.66 -17.08
CA GLY A 203 49.69 7.87 -17.22
C GLY A 203 50.81 8.00 -16.20
N LEU A 204 50.90 7.06 -15.29
CA LEU A 204 51.95 7.07 -14.26
C LEU A 204 52.95 5.97 -14.60
N ARG A 205 54.21 6.34 -14.71
CA ARG A 205 55.26 5.39 -15.03
C ARG A 205 55.45 4.34 -13.92
N SER A 206 55.05 4.69 -12.71
CA SER A 206 55.11 3.79 -11.56
C SER A 206 54.07 4.30 -10.57
N PRO A 207 53.55 3.41 -9.71
CA PRO A 207 52.52 3.80 -8.74
C PRO A 207 52.81 5.02 -7.89
N VAL A 208 51.81 5.87 -7.75
CA VAL A 208 51.92 7.06 -6.92
C VAL A 208 51.26 6.80 -5.57
N THR A 209 51.93 7.20 -4.49
CA THR A 209 51.41 7.01 -3.14
C THR A 209 51.32 8.32 -2.39
N LYS A 210 50.16 8.58 -1.81
CA LYS A 210 49.95 9.75 -0.99
C LYS A 210 49.62 9.21 0.37
N SER A 211 50.21 9.77 1.40
CA SER A 211 49.94 9.29 2.72
C SER A 211 50.10 10.41 3.71
N PHE A 212 49.73 10.12 4.94
CA PHE A 212 49.88 11.07 6.01
C PHE A 212 50.08 10.26 7.26
N ASN A 213 50.52 10.96 8.29
CA ASN A 213 50.81 10.39 9.57
C ASN A 213 49.76 10.87 10.56
N ARG A 214 49.01 9.97 11.18
CA ARG A 214 48.00 10.43 12.11
C ARG A 214 48.65 11.23 13.23
N LEU B 1 3.15 11.49 -30.19
CA LEU B 1 1.75 11.01 -30.03
C LEU B 1 1.66 9.95 -28.94
N ILE B 2 2.53 8.94 -28.99
CA ILE B 2 2.49 7.89 -27.96
C ILE B 2 3.17 8.32 -26.66
N ASN B 3 2.57 7.95 -25.54
CA ASN B 3 3.12 8.32 -24.26
C ASN B 3 2.80 7.35 -23.12
N LEU B 4 3.80 7.08 -22.29
CA LEU B 4 3.65 6.20 -21.13
C LEU B 4 4.13 6.99 -19.91
N VAL B 5 3.24 7.19 -18.95
CA VAL B 5 3.56 7.96 -17.75
C VAL B 5 3.41 7.11 -16.51
N GLU B 6 4.50 6.99 -15.76
CA GLU B 6 4.47 6.18 -14.54
C GLU B 6 4.35 6.99 -13.27
N SER B 7 3.94 6.29 -12.21
CA SER B 7 3.79 6.88 -10.89
C SER B 7 3.64 5.70 -9.95
N GLY B 8 3.80 5.94 -8.66
CA GLY B 8 3.65 4.88 -7.68
C GLY B 8 4.92 4.56 -6.90
N GLY B 9 6.08 4.87 -7.48
CA GLY B 9 7.33 4.59 -6.79
C GLY B 9 7.37 5.26 -5.43
N GLY B 10 8.32 4.86 -4.60
CA GLY B 10 8.44 5.43 -3.27
C GLY B 10 9.48 4.71 -2.44
N VAL B 11 9.75 5.22 -1.26
CA VAL B 11 10.73 4.62 -0.34
C VAL B 11 9.88 3.84 0.65
N VAL B 12 10.20 2.56 0.82
CA VAL B 12 9.40 1.72 1.70
C VAL B 12 10.29 0.75 2.47
N GLN B 13 9.77 0.22 3.57
CA GLN B 13 10.51 -0.74 4.37
C GLN B 13 10.25 -2.14 3.87
N PRO B 14 11.17 -3.08 4.16
CA PRO B 14 10.99 -4.47 3.73
C PRO B 14 9.68 -5.01 4.28
N GLY B 15 8.98 -5.81 3.48
CA GLY B 15 7.73 -6.39 3.94
C GLY B 15 6.50 -5.57 3.59
N ARG B 16 6.71 -4.29 3.26
CA ARG B 16 5.60 -3.42 2.90
C ARG B 16 5.25 -3.66 1.43
N SER B 17 4.23 -2.95 0.94
CA SER B 17 3.80 -3.07 -0.44
C SER B 17 3.82 -1.72 -1.14
N LEU B 18 3.80 -1.76 -2.46
CA LEU B 18 3.75 -0.55 -3.28
C LEU B 18 2.96 -0.95 -4.50
N ARG B 19 2.36 0.03 -5.17
CA ARG B 19 1.61 -0.27 -6.38
C ARG B 19 1.94 0.74 -7.46
N LEU B 20 2.49 0.24 -8.57
CA LEU B 20 2.88 1.09 -9.68
C LEU B 20 1.80 1.24 -10.74
N SER B 21 1.77 2.43 -11.35
CA SER B 21 0.84 2.74 -12.42
C SER B 21 1.59 3.29 -13.62
N CYS B 22 1.08 2.97 -14.80
CA CYS B 22 1.66 3.42 -16.06
C CYS B 22 0.50 3.74 -16.97
N ALA B 23 0.18 5.02 -17.08
CA ALA B 23 -0.91 5.50 -17.91
C ALA B 23 -0.49 5.68 -19.36
N ALA B 24 -1.21 5.03 -20.27
CA ALA B 24 -0.88 5.12 -21.70
C ALA B 24 -1.82 6.04 -22.46
N SER B 25 -1.30 6.63 -23.53
CA SER B 25 -2.05 7.54 -24.39
C SER B 25 -1.38 7.55 -25.77
N GLY B 26 -2.12 7.96 -26.79
CA GLY B 26 -1.55 8.03 -28.13
C GLY B 26 -1.63 6.75 -28.95
N PHE B 27 -2.19 5.69 -28.40
CA PHE B 27 -2.33 4.45 -29.14
C PHE B 27 -3.45 3.61 -28.55
N THR B 28 -3.91 2.61 -29.28
CA THR B 28 -4.98 1.76 -28.80
C THR B 28 -4.43 0.76 -27.80
N PHE B 29 -4.45 1.17 -26.53
CA PHE B 29 -3.94 0.38 -25.42
C PHE B 29 -4.31 -1.10 -25.46
N SER B 30 -5.60 -1.39 -25.54
CA SER B 30 -6.11 -2.77 -25.55
C SER B 30 -5.48 -3.78 -26.51
N ARG B 31 -4.69 -3.31 -27.46
CA ARG B 31 -4.06 -4.22 -28.43
C ARG B 31 -2.66 -4.67 -28.15
N TYR B 32 -2.03 -4.09 -27.15
CA TYR B 32 -0.66 -4.48 -26.91
C TYR B 32 -0.40 -5.12 -25.57
N GLY B 33 0.52 -6.07 -25.59
CA GLY B 33 0.92 -6.69 -24.36
C GLY B 33 1.78 -5.60 -23.74
N MET B 34 1.74 -5.48 -22.42
CA MET B 34 2.52 -4.46 -21.74
C MET B 34 3.47 -5.14 -20.76
N HIS B 35 4.61 -4.53 -20.51
CA HIS B 35 5.61 -5.11 -19.61
C HIS B 35 6.17 -4.16 -18.59
N TRP B 36 6.80 -4.75 -17.57
CA TRP B 36 7.50 -4.03 -16.52
C TRP B 36 8.94 -4.51 -16.62
N VAL B 37 9.86 -3.55 -16.73
CA VAL B 37 11.28 -3.84 -16.83
C VAL B 37 11.97 -2.95 -15.80
N ARG B 38 12.88 -3.53 -15.02
CA ARG B 38 13.55 -2.74 -14.01
C ARG B 38 15.05 -2.60 -14.26
N GLN B 39 15.65 -1.69 -13.51
CA GLN B 39 17.08 -1.47 -13.58
C GLN B 39 17.58 -1.12 -12.19
N ALA B 40 18.21 -2.08 -11.54
CA ALA B 40 18.76 -1.87 -10.20
C ALA B 40 19.93 -0.92 -10.35
N PRO B 41 20.36 -0.27 -9.24
CA PRO B 41 21.48 0.67 -9.29
C PRO B 41 22.76 0.08 -9.89
N GLY B 42 23.29 0.76 -10.89
CA GLY B 42 24.51 0.32 -11.55
C GLY B 42 24.40 -0.97 -12.34
N LYS B 43 23.17 -1.44 -12.54
CA LYS B 43 22.91 -2.68 -13.27
C LYS B 43 22.34 -2.40 -14.64
N GLY B 44 22.13 -3.47 -15.40
CA GLY B 44 21.57 -3.34 -16.72
C GLY B 44 20.06 -3.51 -16.62
N LEU B 45 19.40 -3.67 -17.76
CA LEU B 45 17.96 -3.84 -17.77
C LEU B 45 17.59 -5.27 -17.41
N GLU B 46 16.53 -5.42 -16.63
CA GLU B 46 16.11 -6.74 -16.21
C GLU B 46 14.58 -6.84 -16.28
N TRP B 47 14.09 -7.77 -17.10
CA TRP B 47 12.67 -7.97 -17.29
C TRP B 47 11.96 -8.46 -16.02
N VAL B 48 10.78 -7.92 -15.74
CA VAL B 48 10.01 -8.28 -14.55
C VAL B 48 8.71 -9.03 -14.79
N ALA B 49 7.88 -8.54 -15.70
CA ALA B 49 6.61 -9.22 -15.95
C ALA B 49 5.89 -8.69 -17.18
N VAL B 50 4.90 -9.46 -17.63
CA VAL B 50 4.11 -9.11 -18.80
C VAL B 50 2.64 -9.45 -18.62
N VAL B 51 1.78 -8.66 -19.24
CA VAL B 51 0.35 -8.94 -19.18
C VAL B 51 -0.14 -8.78 -20.62
N SER B 52 -0.83 -9.81 -21.12
CA SER B 52 -1.33 -9.79 -22.49
C SER B 52 -2.28 -8.62 -22.73
N SER B 53 -2.45 -8.27 -24.00
CA SER B 53 -3.31 -7.17 -24.39
C SER B 53 -4.70 -7.19 -23.75
N ASP B 54 -5.22 -8.39 -23.50
CA ASP B 54 -6.56 -8.49 -22.89
C ASP B 54 -6.56 -8.74 -21.40
N GLY B 55 -5.38 -8.65 -20.79
CA GLY B 55 -5.26 -8.81 -19.35
C GLY B 55 -5.45 -10.20 -18.77
N ARG B 56 -5.76 -11.19 -19.60
CA ARG B 56 -5.99 -12.55 -19.11
C ARG B 56 -4.80 -13.44 -18.84
N THR B 57 -3.69 -13.19 -19.51
CA THR B 57 -2.54 -14.02 -19.26
C THR B 57 -1.33 -13.19 -18.87
N THR B 58 -0.71 -13.63 -17.77
CA THR B 58 0.44 -12.95 -17.22
C THR B 58 1.61 -13.92 -17.06
N TYR B 59 2.82 -13.39 -16.97
CA TYR B 59 4.02 -14.19 -16.80
C TYR B 59 5.00 -13.34 -16.02
N TYR B 60 5.71 -13.99 -15.08
CA TYR B 60 6.65 -13.29 -14.20
C TYR B 60 8.07 -13.84 -14.18
N ALA B 61 9.02 -12.95 -13.89
CA ALA B 61 10.40 -13.35 -13.74
C ALA B 61 10.35 -14.18 -12.45
N ASP B 62 11.19 -15.20 -12.34
CA ASP B 62 11.17 -16.03 -11.15
C ASP B 62 11.38 -15.31 -9.83
N SER B 63 12.16 -14.23 -9.85
CA SER B 63 12.43 -13.49 -8.63
C SER B 63 11.23 -12.77 -8.01
N VAL B 64 10.14 -12.61 -8.76
CA VAL B 64 8.97 -11.90 -8.25
C VAL B 64 7.69 -12.73 -8.12
N LYS B 65 7.74 -13.98 -8.57
CA LYS B 65 6.56 -14.85 -8.49
C LYS B 65 5.97 -14.89 -7.10
N GLY B 66 4.65 -14.81 -7.02
CA GLY B 66 3.97 -14.86 -5.74
C GLY B 66 4.00 -13.58 -4.92
N ARG B 67 4.86 -12.64 -5.28
CA ARG B 67 4.95 -11.39 -4.55
C ARG B 67 4.36 -10.25 -5.36
N PHE B 68 4.64 -10.24 -6.66
CA PHE B 68 4.14 -9.18 -7.55
C PHE B 68 3.00 -9.68 -8.43
N THR B 69 2.11 -8.76 -8.77
CA THR B 69 0.98 -9.08 -9.63
C THR B 69 0.86 -7.99 -10.68
N ILE B 70 0.96 -8.38 -11.94
CA ILE B 70 0.80 -7.41 -13.00
C ILE B 70 -0.65 -7.47 -13.46
N SER B 71 -1.21 -6.32 -13.78
CA SER B 71 -2.58 -6.23 -14.24
C SER B 71 -2.76 -4.96 -15.05
N ARG B 72 -3.87 -4.88 -15.77
CA ARG B 72 -4.17 -3.72 -16.59
C ARG B 72 -5.68 -3.46 -16.61
N ASP B 73 -6.05 -2.21 -16.84
CA ASP B 73 -7.45 -1.80 -16.91
C ASP B 73 -7.56 -1.09 -18.25
N ASN B 74 -8.08 -1.78 -19.25
CA ASN B 74 -8.20 -1.17 -20.56
C ASN B 74 -9.17 -0.01 -20.65
N SER B 75 -10.17 0.00 -19.77
CA SER B 75 -11.12 1.11 -19.78
C SER B 75 -10.30 2.37 -19.55
N LYS B 76 -9.36 2.32 -18.59
CA LYS B 76 -8.54 3.48 -18.30
C LYS B 76 -7.18 3.50 -18.94
N ASN B 77 -6.88 2.56 -19.83
CA ASN B 77 -5.58 2.56 -20.47
C ASN B 77 -4.45 2.65 -19.46
N THR B 78 -4.51 1.83 -18.42
CA THR B 78 -3.49 1.85 -17.39
C THR B 78 -2.95 0.46 -17.10
N LEU B 79 -1.64 0.40 -16.86
CA LEU B 79 -0.97 -0.84 -16.53
C LEU B 79 -0.58 -0.73 -15.05
N TYR B 80 -0.71 -1.84 -14.31
CA TYR B 80 -0.36 -1.82 -12.90
C TYR B 80 0.62 -2.91 -12.51
N LEU B 81 1.28 -2.69 -11.38
CA LEU B 81 2.18 -3.68 -10.80
C LEU B 81 2.01 -3.57 -9.30
N GLN B 82 1.37 -4.58 -8.72
CA GLN B 82 1.15 -4.65 -7.27
C GLN B 82 2.40 -5.33 -6.76
N MET B 83 3.11 -4.67 -5.85
CA MET B 83 4.34 -5.21 -5.31
C MET B 83 4.26 -5.46 -3.80
N ASN B 84 4.04 -6.71 -3.41
CA ASN B 84 3.95 -7.05 -1.99
C ASN B 84 5.23 -7.71 -1.50
N SER B 85 5.34 -7.84 -0.18
CA SER B 85 6.50 -8.45 0.46
C SER B 85 7.80 -7.96 -0.15
N LEU B 86 7.92 -6.65 -0.29
CA LEU B 86 9.12 -6.03 -0.87
C LEU B 86 10.39 -6.35 -0.08
N ARG B 87 11.49 -6.51 -0.83
CA ARG B 87 12.82 -6.80 -0.27
C ARG B 87 13.78 -5.72 -0.72
N ALA B 88 14.86 -5.53 0.04
CA ALA B 88 15.87 -4.54 -0.30
C ALA B 88 16.38 -4.76 -1.73
N GLU B 89 16.52 -6.02 -2.14
CA GLU B 89 17.02 -6.35 -3.47
C GLU B 89 16.12 -5.88 -4.60
N ASP B 90 14.87 -5.53 -4.27
CA ASP B 90 13.93 -5.07 -5.31
C ASP B 90 14.22 -3.63 -5.70
N THR B 91 14.99 -2.95 -4.85
CA THR B 91 15.33 -1.55 -5.09
C THR B 91 15.82 -1.37 -6.51
N ALA B 92 15.12 -0.52 -7.25
CA ALA B 92 15.46 -0.26 -8.64
C ALA B 92 14.51 0.74 -9.25
N VAL B 93 14.83 1.15 -10.47
CA VAL B 93 13.95 2.04 -11.20
C VAL B 93 13.07 1.10 -12.01
N PHE B 94 11.76 1.28 -11.96
CA PHE B 94 10.86 0.40 -12.72
C PHE B 94 10.26 1.13 -13.91
N TYR B 95 10.40 0.53 -15.09
CA TYR B 95 9.86 1.11 -16.32
C TYR B 95 8.75 0.23 -16.87
N CYS B 96 7.78 0.85 -17.52
CA CYS B 96 6.76 0.05 -18.19
C CYS B 96 7.15 0.16 -19.64
N ALA B 97 6.88 -0.89 -20.40
CA ALA B 97 7.24 -0.89 -21.81
C ALA B 97 6.15 -1.53 -22.64
N LYS B 98 5.95 -0.96 -23.82
CA LYS B 98 4.93 -1.42 -24.75
C LYS B 98 5.52 -2.30 -25.86
N GLU B 99 4.87 -3.43 -26.13
CA GLU B 99 5.33 -4.30 -27.20
C GLU B 99 5.21 -3.50 -28.49
N GLY B 100 6.21 -3.65 -29.35
CA GLY B 100 6.25 -2.92 -30.60
C GLY B 100 5.09 -3.07 -31.56
N GLY B 101 4.78 -1.98 -32.24
CA GLY B 101 3.71 -1.99 -33.22
C GLY B 101 4.19 -2.72 -34.47
N ASP B 102 5.41 -2.40 -34.90
CA ASP B 102 6.01 -3.03 -36.07
C ASP B 102 6.52 -4.43 -35.76
N ASN B 103 7.02 -4.59 -34.55
CA ASN B 103 7.59 -5.86 -34.10
C ASN B 103 7.32 -6.00 -32.62
N LYS B 104 6.49 -6.96 -32.26
CA LYS B 104 6.12 -7.16 -30.86
C LYS B 104 7.16 -7.77 -29.94
N PHE B 105 8.28 -8.23 -30.49
CA PHE B 105 9.33 -8.81 -29.65
C PHE B 105 10.33 -7.72 -29.27
N SER B 106 9.96 -6.49 -29.57
CA SER B 106 10.78 -5.33 -29.23
C SER B 106 9.88 -4.41 -28.40
N PHE B 107 10.47 -3.45 -27.70
CA PHE B 107 9.72 -2.50 -26.87
C PHE B 107 9.88 -1.11 -27.50
N ASP B 108 8.86 -0.66 -28.24
CA ASP B 108 8.97 0.64 -28.91
C ASP B 108 8.78 1.89 -28.08
N TYR B 109 8.04 1.81 -26.97
CA TYR B 109 7.83 2.98 -26.12
C TYR B 109 7.99 2.62 -24.65
N TRP B 110 8.65 3.49 -23.90
CA TRP B 110 8.92 3.27 -22.48
C TRP B 110 8.43 4.38 -21.56
N GLY B 111 8.11 4.00 -20.33
CA GLY B 111 7.69 4.98 -19.35
C GLY B 111 8.96 5.71 -18.96
N GLN B 112 8.84 6.82 -18.23
CA GLN B 112 10.03 7.57 -17.84
C GLN B 112 10.71 6.91 -16.65
N GLY B 113 10.02 5.94 -16.06
CA GLY B 113 10.56 5.21 -14.93
C GLY B 113 10.10 5.74 -13.58
N THR B 114 9.91 4.84 -12.62
CA THR B 114 9.53 5.25 -11.28
C THR B 114 10.43 4.50 -10.32
N LEU B 115 10.92 5.22 -9.31
CA LEU B 115 11.84 4.68 -8.33
C LEU B 115 11.25 3.88 -7.19
N VAL B 116 11.72 2.66 -7.01
CA VAL B 116 11.27 1.82 -5.91
C VAL B 116 12.47 1.59 -4.99
N THR B 117 12.42 2.18 -3.82
CA THR B 117 13.51 2.03 -2.86
C THR B 117 13.01 1.25 -1.63
N VAL B 118 13.66 0.12 -1.38
CA VAL B 118 13.30 -0.72 -0.26
C VAL B 118 14.45 -0.77 0.71
N SER B 119 14.24 -0.19 1.88
CA SER B 119 15.27 -0.13 2.91
C SER B 119 14.66 -0.04 4.29
N SER B 120 15.31 -0.64 5.26
CA SER B 120 14.81 -0.58 6.62
C SER B 120 15.40 0.64 7.31
N ALA B 121 15.97 1.55 6.52
CA ALA B 121 16.56 2.76 7.05
C ALA B 121 15.49 3.84 7.10
N SER B 122 15.69 4.84 7.96
CA SER B 122 14.73 5.93 8.10
C SER B 122 15.32 7.22 7.57
N THR B 123 14.45 8.17 7.26
CA THR B 123 14.87 9.46 6.76
C THR B 123 15.84 10.10 7.75
N LYS B 124 16.93 10.65 7.23
CA LYS B 124 17.95 11.28 8.05
C LYS B 124 18.76 12.29 7.24
N GLY B 125 18.96 13.47 7.82
CA GLY B 125 19.74 14.50 7.14
C GLY B 125 21.21 14.16 7.22
N PRO B 126 22.04 14.70 6.32
CA PRO B 126 23.47 14.38 6.36
C PRO B 126 24.28 15.25 7.32
N SER B 127 25.47 14.74 7.65
CA SER B 127 26.42 15.49 8.46
C SER B 127 27.43 15.92 7.40
N VAL B 128 27.85 17.18 7.45
CA VAL B 128 28.80 17.67 6.45
C VAL B 128 30.17 17.94 7.04
N PHE B 129 31.16 17.17 6.61
CA PHE B 129 32.53 17.29 7.10
C PHE B 129 33.45 17.88 6.04
N PRO B 130 34.44 18.66 6.48
CA PRO B 130 35.38 19.27 5.53
C PRO B 130 36.46 18.31 5.04
N LEU B 131 36.88 18.50 3.79
CA LEU B 131 37.96 17.72 3.20
C LEU B 131 38.99 18.80 2.93
N ALA B 132 39.99 18.91 3.80
CA ALA B 132 41.01 19.93 3.61
C ALA B 132 42.41 19.37 3.43
N THR B 142 48.69 22.85 -7.65
CA THR B 142 47.24 22.78 -7.55
C THR B 142 46.81 22.09 -6.26
N ALA B 143 45.82 22.67 -5.57
CA ALA B 143 45.33 22.11 -4.33
C ALA B 143 43.90 21.61 -4.49
N ALA B 144 43.48 20.74 -3.59
CA ALA B 144 42.13 20.19 -3.63
C ALA B 144 41.49 20.27 -2.26
N LEU B 145 40.19 20.51 -2.25
CA LEU B 145 39.44 20.57 -0.99
C LEU B 145 38.01 20.19 -1.31
N GLY B 146 37.24 19.89 -0.28
CA GLY B 146 35.87 19.52 -0.53
C GLY B 146 35.03 19.33 0.71
N CYS B 147 33.91 18.66 0.51
CA CYS B 147 32.97 18.37 1.59
C CYS B 147 32.53 16.93 1.49
N LEU B 148 32.50 16.26 2.63
CA LEU B 148 32.08 14.88 2.70
C LEU B 148 30.66 14.98 3.26
N VAL B 149 29.67 14.69 2.41
CA VAL B 149 28.27 14.73 2.81
C VAL B 149 27.94 13.30 3.20
N LYS B 150 27.98 13.03 4.50
CA LYS B 150 27.81 11.68 5.02
C LYS B 150 26.59 11.28 5.86
N ASP B 151 26.21 10.02 5.67
CA ASP B 151 25.11 9.39 6.39
C ASP B 151 23.75 10.04 6.26
N TYR B 152 23.21 10.02 5.04
CA TYR B 152 21.88 10.57 4.82
C TYR B 152 21.02 9.52 4.15
N PHE B 153 19.71 9.76 4.15
CA PHE B 153 18.73 8.87 3.56
C PHE B 153 17.41 9.60 3.48
N PRO B 154 16.70 9.51 2.34
CA PRO B 154 17.11 8.75 1.15
C PRO B 154 17.77 9.69 0.17
N GLU B 155 18.04 9.18 -1.03
CA GLU B 155 18.60 10.02 -2.07
C GLU B 155 17.46 10.97 -2.38
N PRO B 156 17.75 12.16 -2.92
CA PRO B 156 19.08 12.67 -3.24
C PRO B 156 19.45 13.89 -2.40
N VAL B 157 20.67 14.38 -2.62
CA VAL B 157 21.17 15.59 -1.97
C VAL B 157 21.81 16.35 -3.11
N THR B 158 21.85 17.67 -3.01
CA THR B 158 22.48 18.47 -4.06
C THR B 158 23.59 19.25 -3.40
N VAL B 159 24.65 19.51 -4.16
CA VAL B 159 25.77 20.25 -3.66
C VAL B 159 26.19 21.26 -4.70
N SER B 160 26.47 22.47 -4.25
CA SER B 160 26.91 23.54 -5.13
C SER B 160 28.00 24.23 -4.33
N TRP B 161 28.82 25.05 -4.99
CA TRP B 161 29.88 25.75 -4.29
C TRP B 161 29.74 27.25 -4.39
N ASN B 162 29.97 27.92 -3.26
CA ASN B 162 29.87 29.37 -3.15
C ASN B 162 28.58 29.85 -3.80
N SER B 163 27.48 29.30 -3.33
CA SER B 163 26.15 29.63 -3.82
C SER B 163 26.05 29.56 -5.34
N GLY B 164 26.79 28.63 -5.94
CA GLY B 164 26.75 28.46 -7.39
C GLY B 164 27.63 29.41 -8.19
N ALA B 165 28.48 30.17 -7.51
CA ALA B 165 29.37 31.10 -8.21
C ALA B 165 30.69 30.45 -8.57
N LEU B 166 30.94 29.27 -8.03
CA LEU B 166 32.17 28.53 -8.33
C LEU B 166 31.73 27.19 -8.92
N THR B 167 32.09 26.98 -10.19
CA THR B 167 31.70 25.73 -10.89
C THR B 167 32.85 25.03 -11.57
N SER B 168 33.81 25.82 -11.97
CA SER B 168 34.97 25.29 -12.67
C SER B 168 35.85 24.48 -11.74
N GLY B 169 36.13 23.25 -12.15
CA GLY B 169 36.99 22.39 -11.34
C GLY B 169 36.29 21.64 -10.21
N VAL B 170 34.96 21.64 -10.24
CA VAL B 170 34.18 20.95 -9.22
C VAL B 170 33.78 19.55 -9.67
N HIS B 171 33.93 18.57 -8.79
CA HIS B 171 33.48 17.22 -9.08
C HIS B 171 32.66 16.74 -7.90
N THR B 172 31.38 16.50 -8.14
CA THR B 172 30.48 16.00 -7.11
C THR B 172 30.23 14.56 -7.54
N PHE B 173 30.76 13.62 -6.76
CA PHE B 173 30.64 12.21 -7.08
C PHE B 173 29.28 11.60 -6.85
N PRO B 174 29.00 10.47 -7.52
CA PRO B 174 27.72 9.79 -7.36
C PRO B 174 27.68 9.29 -5.92
N ALA B 175 26.50 9.29 -5.32
CA ALA B 175 26.34 8.80 -3.96
C ALA B 175 26.70 7.33 -3.89
N VAL B 176 27.05 6.90 -2.68
CA VAL B 176 27.43 5.53 -2.43
C VAL B 176 26.57 5.02 -1.27
N LEU B 177 25.99 3.84 -1.41
CA LEU B 177 25.16 3.28 -0.34
C LEU B 177 26.09 2.49 0.58
N GLN B 178 26.27 2.99 1.80
CA GLN B 178 27.14 2.34 2.78
C GLN B 178 26.43 1.13 3.40
N SER B 179 27.21 0.26 4.03
CA SER B 179 26.68 -0.95 4.65
C SER B 179 25.66 -0.67 5.76
N SER B 180 25.62 0.57 6.25
CA SER B 180 24.69 0.94 7.30
C SER B 180 23.32 1.26 6.72
N GLY B 181 23.24 1.31 5.40
CA GLY B 181 21.98 1.62 4.75
C GLY B 181 21.84 3.11 4.47
N LEU B 182 22.84 3.88 4.87
CA LEU B 182 22.83 5.32 4.64
C LEU B 182 23.76 5.67 3.48
N TYR B 183 23.42 6.73 2.76
CA TYR B 183 24.22 7.17 1.63
C TYR B 183 25.31 8.14 2.04
N SER B 184 26.29 8.30 1.17
CA SER B 184 27.39 9.22 1.41
C SER B 184 27.97 9.65 0.08
N LEU B 185 28.45 10.90 0.01
CA LEU B 185 29.07 11.38 -1.22
C LEU B 185 30.01 12.54 -0.93
N SER B 186 30.99 12.68 -1.81
CA SER B 186 31.97 13.72 -1.70
C SER B 186 31.84 14.70 -2.86
N SER B 187 32.14 15.97 -2.57
CA SER B 187 32.13 16.99 -3.59
C SER B 187 33.44 17.70 -3.35
N VAL B 188 34.29 17.71 -4.36
CA VAL B 188 35.59 18.35 -4.25
C VAL B 188 35.75 19.39 -5.34
N VAL B 189 36.77 20.21 -5.19
CA VAL B 189 37.06 21.22 -6.18
C VAL B 189 38.54 21.54 -6.08
N THR B 190 39.17 21.65 -7.24
CA THR B 190 40.59 21.96 -7.27
C THR B 190 40.77 23.43 -7.57
N VAL B 191 41.60 24.10 -6.77
CA VAL B 191 41.91 25.50 -6.96
C VAL B 191 43.42 25.68 -6.90
N GLN B 199 40.63 33.65 -0.36
CA GLN B 199 39.48 33.19 -1.15
C GLN B 199 38.71 32.13 -0.36
N THR B 200 37.42 32.39 -0.14
CA THR B 200 36.59 31.49 0.64
C THR B 200 35.80 30.42 -0.12
N TYR B 201 35.78 29.21 0.45
CA TYR B 201 35.09 28.06 -0.14
C TYR B 201 34.03 27.48 0.79
N THR B 202 32.79 27.52 0.31
CA THR B 202 31.65 27.03 1.07
C THR B 202 30.82 26.06 0.23
N CYS B 203 30.55 24.87 0.75
CA CYS B 203 29.72 23.95 0.00
C CYS B 203 28.31 24.11 0.52
N ASN B 204 27.38 24.32 -0.40
CA ASN B 204 25.98 24.50 -0.07
C ASN B 204 25.30 23.16 -0.25
N VAL B 205 24.98 22.52 0.86
CA VAL B 205 24.36 21.21 0.83
C VAL B 205 22.88 21.26 1.16
N ASP B 206 22.09 20.54 0.38
CA ASP B 206 20.65 20.49 0.61
C ASP B 206 20.12 19.09 0.40
N HIS B 207 19.43 18.59 1.41
CA HIS B 207 18.83 17.27 1.39
C HIS B 207 17.35 17.48 1.68
N LYS B 208 16.57 17.58 0.61
CA LYS B 208 15.15 17.84 0.72
C LYS B 208 14.28 16.87 1.52
N PRO B 209 14.60 15.57 1.48
CA PRO B 209 13.76 14.65 2.26
C PRO B 209 13.73 14.92 3.77
N SER B 210 14.79 15.52 4.30
CA SER B 210 14.85 15.81 5.73
C SER B 210 14.77 17.30 6.03
N ASN B 211 14.56 18.11 5.00
CA ASN B 211 14.49 19.55 5.19
C ASN B 211 15.78 19.94 5.89
N THR B 212 16.91 19.61 5.25
CA THR B 212 18.23 19.91 5.82
C THR B 212 19.09 20.70 4.86
N LYS B 213 19.40 21.93 5.26
CA LYS B 213 20.25 22.80 4.48
C LYS B 213 21.44 23.23 5.32
N VAL B 214 22.63 23.11 4.74
CA VAL B 214 23.86 23.46 5.43
C VAL B 214 24.84 24.15 4.50
N ASP B 215 25.36 25.29 4.92
CA ASP B 215 26.37 26.01 4.16
C ASP B 215 27.64 25.78 4.98
N LYS B 216 28.52 24.96 4.44
CA LYS B 216 29.75 24.60 5.14
C LYS B 216 31.01 25.21 4.54
N THR B 217 31.59 26.17 5.25
CA THR B 217 32.80 26.85 4.83
C THR B 217 34.01 26.01 5.21
N VAL B 218 34.75 25.54 4.21
CA VAL B 218 35.92 24.71 4.42
C VAL B 218 37.17 25.58 4.60
N GLU B 219 37.84 25.42 5.74
CA GLU B 219 39.04 26.19 6.07
C GLU B 219 40.33 25.40 5.84
N GLY C 3 -13.24 -25.77 19.94
CA GLY C 3 -13.16 -25.17 18.58
C GLY C 3 -14.46 -24.47 18.25
N GLN C 4 -15.47 -24.74 19.06
CA GLN C 4 -16.76 -24.11 18.85
C GLN C 4 -17.52 -23.87 20.15
N LEU C 5 -17.99 -22.64 20.28
CA LEU C 5 -18.76 -22.21 21.43
C LEU C 5 -20.16 -22.06 20.87
N THR C 6 -21.15 -22.59 21.58
CA THR C 6 -22.53 -22.44 21.13
C THR C 6 -23.24 -21.67 22.24
N GLN C 7 -23.77 -20.51 21.88
CA GLN C 7 -24.45 -19.68 22.86
C GLN C 7 -25.96 -19.79 22.74
N SER C 8 -26.64 -19.66 23.87
CA SER C 8 -28.09 -19.70 23.87
C SER C 8 -28.62 -18.95 25.07
N PRO C 9 -29.79 -18.28 24.90
CA PRO C 9 -30.53 -18.28 23.64
C PRO C 9 -29.92 -17.24 22.72
N ALA C 10 -30.42 -17.12 21.50
CA ALA C 10 -29.88 -16.13 20.56
C ALA C 10 -30.33 -14.74 21.01
N THR C 11 -31.55 -14.67 21.52
CA THR C 11 -32.10 -13.42 21.99
C THR C 11 -32.81 -13.63 23.31
N LEU C 12 -32.64 -12.67 24.21
CA LEU C 12 -33.22 -12.73 25.53
C LEU C 12 -34.02 -11.44 25.75
N SER C 13 -35.35 -11.54 25.86
CA SER C 13 -36.18 -10.36 26.08
C SER C 13 -36.54 -10.25 27.55
N LEU C 14 -36.04 -9.19 28.20
CA LEU C 14 -36.31 -8.98 29.61
C LEU C 14 -36.63 -7.53 29.89
N SER C 15 -37.00 -7.25 31.13
CA SER C 15 -37.31 -5.91 31.59
C SER C 15 -36.23 -5.48 32.56
N PRO C 16 -35.98 -4.16 32.66
CA PRO C 16 -34.96 -3.71 33.60
C PRO C 16 -35.32 -4.29 34.96
N GLY C 17 -34.32 -4.61 35.77
CA GLY C 17 -34.60 -5.16 37.08
C GLY C 17 -34.71 -6.68 37.08
N GLU C 18 -34.98 -7.29 35.92
CA GLU C 18 -35.07 -8.75 35.88
C GLU C 18 -33.68 -9.35 35.78
N ARG C 19 -33.59 -10.62 36.12
CA ARG C 19 -32.33 -11.34 36.08
C ARG C 19 -32.12 -11.94 34.70
N ALA C 20 -30.89 -11.86 34.19
CA ALA C 20 -30.58 -12.42 32.88
C ALA C 20 -29.57 -13.57 33.02
N THR C 21 -29.91 -14.69 32.41
CA THR C 21 -29.05 -15.86 32.46
C THR C 21 -28.71 -16.26 31.03
N LEU C 22 -27.45 -16.12 30.64
CA LEU C 22 -27.05 -16.49 29.30
C LEU C 22 -26.11 -17.65 29.42
N SER C 23 -26.19 -18.59 28.48
CA SER C 23 -25.31 -19.72 28.57
C SER C 23 -24.48 -19.91 27.31
N CYS C 24 -23.38 -20.64 27.50
CA CYS C 24 -22.42 -20.93 26.46
C CYS C 24 -21.91 -22.33 26.71
N ARG C 25 -21.88 -23.12 25.66
CA ARG C 25 -21.45 -24.50 25.76
C ARG C 25 -20.28 -24.76 24.83
N ALA C 26 -19.18 -25.26 25.39
CA ALA C 26 -17.98 -25.57 24.62
C ALA C 26 -17.97 -27.05 24.26
N THR C 31 -12.79 -27.38 32.04
CA THR C 31 -11.65 -26.47 32.01
C THR C 31 -12.15 -25.05 31.83
N ASN C 32 -12.29 -24.32 32.94
CA ASN C 32 -12.82 -22.95 32.89
C ASN C 32 -12.01 -21.79 32.36
N TYR C 33 -11.44 -21.88 31.17
CA TYR C 33 -10.77 -20.71 30.67
C TYR C 33 -11.55 -20.22 29.46
N LEU C 34 -12.71 -19.73 29.88
CA LEU C 34 -13.79 -19.18 29.08
C LEU C 34 -13.96 -17.76 29.62
N ALA C 35 -14.16 -16.80 28.71
CA ALA C 35 -14.33 -15.39 29.08
C ALA C 35 -15.62 -14.84 28.47
N TRP C 36 -16.12 -13.75 29.04
CA TRP C 36 -17.35 -13.12 28.54
C TRP C 36 -17.13 -11.64 28.23
N TYR C 37 -17.75 -11.18 27.15
CA TYR C 37 -17.63 -9.77 26.71
C TYR C 37 -18.99 -9.18 26.46
N GLN C 38 -19.04 -7.85 26.55
CA GLN C 38 -20.24 -7.09 26.28
C GLN C 38 -19.89 -6.18 25.12
N GLN C 39 -20.80 -6.03 24.18
CA GLN C 39 -20.53 -5.12 23.08
C GLN C 39 -21.78 -4.33 22.73
N LYS C 40 -21.64 -3.02 22.69
CA LYS C 40 -22.75 -2.17 22.32
C LYS C 40 -22.49 -1.73 20.89
N PRO C 41 -23.56 -1.51 20.11
CA PRO C 41 -23.45 -1.09 18.71
C PRO C 41 -22.39 -0.04 18.46
N GLY C 42 -21.46 -0.34 17.55
CA GLY C 42 -20.42 0.61 17.20
C GLY C 42 -19.24 0.76 18.14
N GLN C 43 -19.20 -0.02 19.20
CA GLN C 43 -18.11 0.07 20.16
C GLN C 43 -17.29 -1.19 20.26
N ALA C 44 -16.10 -1.07 20.84
CA ALA C 44 -15.21 -2.19 21.02
C ALA C 44 -15.79 -3.11 22.09
N PRO C 45 -15.50 -4.41 22.01
CA PRO C 45 -16.03 -5.34 23.01
C PRO C 45 -15.40 -4.96 24.35
N ARG C 46 -16.02 -5.38 25.44
CA ARG C 46 -15.49 -5.08 26.77
C ARG C 46 -15.48 -6.33 27.60
N LEU C 47 -14.33 -6.66 28.18
CA LEU C 47 -14.21 -7.85 29.02
C LEU C 47 -15.03 -7.72 30.30
N LEU C 48 -15.86 -8.72 30.55
CA LEU C 48 -16.71 -8.75 31.74
C LEU C 48 -16.21 -9.77 32.75
N ILE C 49 -16.00 -10.99 32.25
CA ILE C 49 -15.59 -12.13 33.06
C ILE C 49 -14.47 -12.94 32.42
N TYR C 50 -13.49 -13.36 33.22
CA TYR C 50 -12.41 -14.19 32.73
C TYR C 50 -12.27 -15.41 33.64
N GLY C 51 -11.72 -16.49 33.11
CA GLY C 51 -11.57 -17.70 33.90
C GLY C 51 -12.91 -18.24 34.36
N ALA C 52 -13.94 -18.01 33.55
CA ALA C 52 -15.29 -18.48 33.84
C ALA C 52 -16.01 -17.77 34.99
N SER C 53 -15.29 -17.32 36.01
CA SER C 53 -15.95 -16.69 37.15
C SER C 53 -15.36 -15.42 37.76
N ASN C 54 -14.31 -14.88 37.17
CA ASN C 54 -13.68 -13.68 37.73
C ASN C 54 -14.06 -12.42 36.96
N ARG C 55 -14.51 -11.41 37.70
CA ARG C 55 -14.91 -10.14 37.10
C ARG C 55 -13.71 -9.30 36.76
N ALA C 56 -13.70 -8.72 35.56
CA ALA C 56 -12.60 -7.88 35.16
C ALA C 56 -12.73 -6.61 35.96
N THR C 57 -11.64 -5.86 35.98
CA THR C 57 -11.56 -4.57 36.64
C THR C 57 -12.67 -3.55 36.30
N GLY C 58 -13.32 -3.06 37.34
CA GLY C 58 -14.38 -2.07 37.16
C GLY C 58 -15.68 -2.61 36.61
N ILE C 59 -15.89 -3.91 36.70
CA ILE C 59 -17.16 -4.48 36.25
C ILE C 59 -18.03 -4.55 37.51
N PRO C 60 -19.25 -3.99 37.45
CA PRO C 60 -20.15 -4.00 38.60
C PRO C 60 -20.47 -5.40 39.11
N ALA C 61 -20.80 -5.49 40.39
CA ALA C 61 -21.11 -6.75 41.05
C ALA C 61 -22.28 -7.53 40.48
N ARG C 62 -23.20 -6.86 39.80
CA ARG C 62 -24.36 -7.56 39.24
C ARG C 62 -23.99 -8.59 38.17
N PHE C 63 -22.78 -8.47 37.61
CA PHE C 63 -22.31 -9.41 36.60
C PHE C 63 -21.55 -10.52 37.32
N SER C 64 -21.89 -11.76 37.03
CA SER C 64 -21.19 -12.89 37.63
C SER C 64 -21.17 -14.00 36.61
N GLY C 65 -20.22 -14.91 36.77
CA GLY C 65 -20.13 -16.02 35.85
C GLY C 65 -19.76 -17.30 36.56
N SER C 66 -20.11 -18.42 35.93
CA SER C 66 -19.78 -19.71 36.51
C SER C 66 -19.78 -20.74 35.39
N GLY C 67 -19.31 -21.93 35.71
CA GLY C 67 -19.27 -22.97 34.72
C GLY C 67 -19.32 -24.32 35.38
N SER C 68 -20.02 -25.25 34.74
CA SER C 68 -20.11 -26.60 35.27
C SER C 68 -20.32 -27.51 34.07
N GLY C 69 -19.40 -28.47 33.92
CA GLY C 69 -19.45 -29.35 32.77
C GLY C 69 -18.79 -28.50 31.71
N THR C 70 -19.21 -28.66 30.46
CA THR C 70 -18.67 -27.88 29.37
C THR C 70 -19.64 -26.71 29.27
N ASP C 71 -20.32 -26.48 30.38
CA ASP C 71 -21.35 -25.46 30.51
C ASP C 71 -20.94 -24.17 31.21
N PHE C 72 -21.04 -23.06 30.48
CA PHE C 72 -20.67 -21.79 31.07
C PHE C 72 -21.85 -20.86 31.04
N THR C 73 -22.04 -20.16 32.16
CA THR C 73 -23.16 -19.25 32.31
C THR C 73 -22.74 -17.86 32.76
N LEU C 74 -23.41 -16.86 32.22
CA LEU C 74 -23.16 -15.47 32.60
C LEU C 74 -24.46 -15.00 33.21
N THR C 75 -24.38 -14.39 34.38
CA THR C 75 -25.58 -13.92 35.05
C THR C 75 -25.51 -12.44 35.40
N ILE C 76 -26.62 -11.74 35.14
CA ILE C 76 -26.75 -10.33 35.45
C ILE C 76 -27.93 -10.35 36.43
N SER C 77 -27.62 -10.26 37.72
CA SER C 77 -28.64 -10.31 38.77
C SER C 77 -29.86 -9.43 38.55
N SER C 78 -29.64 -8.18 38.18
CA SER C 78 -30.73 -7.24 37.96
C SER C 78 -30.32 -6.28 36.86
N LEU C 79 -30.95 -6.41 35.70
CA LEU C 79 -30.64 -5.59 34.54
C LEU C 79 -30.87 -4.09 34.68
N GLU C 80 -29.87 -3.32 34.26
CA GLU C 80 -29.95 -1.87 34.25
C GLU C 80 -30.13 -1.55 32.76
N PRO C 81 -30.66 -0.37 32.43
CA PRO C 81 -30.88 0.02 31.04
C PRO C 81 -29.63 -0.11 30.17
N GLU C 82 -28.46 0.13 30.76
CA GLU C 82 -27.21 0.03 30.03
C GLU C 82 -26.76 -1.40 29.76
N ASP C 83 -27.48 -2.38 30.29
CA ASP C 83 -27.08 -3.77 30.08
C ASP C 83 -27.66 -4.41 28.83
N PHE C 84 -28.62 -3.74 28.21
CA PHE C 84 -29.22 -4.29 27.00
C PHE C 84 -28.19 -4.10 25.90
N ALA C 85 -27.64 -5.21 25.45
CA ALA C 85 -26.59 -5.18 24.43
C ALA C 85 -26.33 -6.61 23.99
N VAL C 86 -25.21 -6.82 23.30
CA VAL C 86 -24.85 -8.15 22.83
C VAL C 86 -23.73 -8.71 23.70
N TYR C 87 -23.81 -10.00 24.02
CA TYR C 87 -22.80 -10.66 24.86
C TYR C 87 -22.16 -11.87 24.14
N TYR C 88 -20.83 -11.97 24.23
CA TYR C 88 -20.10 -13.06 23.60
C TYR C 88 -19.27 -13.84 24.60
N CYS C 89 -19.26 -15.16 24.46
CA CYS C 89 -18.39 -15.97 25.31
C CYS C 89 -17.21 -16.24 24.39
N GLN C 90 -16.06 -16.54 25.00
CA GLN C 90 -14.83 -16.76 24.24
C GLN C 90 -13.93 -17.78 24.92
N GLN C 91 -13.21 -18.52 24.09
CA GLN C 91 -12.32 -19.59 24.53
C GLN C 91 -10.94 -19.51 23.86
N ARG C 92 -9.93 -20.08 24.52
CA ARG C 92 -8.57 -20.11 23.99
C ARG C 92 -7.61 -20.94 24.86
N ASP C 93 -6.75 -21.70 24.21
CA ASP C 93 -5.76 -22.52 24.93
C ASP C 93 -4.38 -22.05 24.57
N ASN C 94 -3.41 -22.69 25.20
CA ASN C 94 -2.03 -22.38 24.96
C ASN C 94 -1.62 -22.71 23.53
N TRP C 95 -2.01 -23.88 23.02
CA TRP C 95 -1.65 -24.24 21.65
C TRP C 95 -2.47 -25.38 21.04
N PRO C 96 -3.03 -25.17 19.83
CA PRO C 96 -2.97 -23.97 18.98
C PRO C 96 -3.45 -22.77 19.81
N PRO C 97 -2.99 -21.55 19.47
CA PRO C 97 -3.35 -20.33 20.20
C PRO C 97 -4.57 -19.54 19.73
N ASP C 98 -5.27 -20.03 18.71
CA ASP C 98 -6.42 -19.32 18.18
C ASP C 98 -7.58 -19.25 19.15
N ALA C 99 -8.27 -18.11 19.17
CA ALA C 99 -9.42 -17.94 20.05
C ALA C 99 -10.68 -18.25 19.26
N THR C 100 -11.71 -18.70 19.96
CA THR C 100 -12.98 -18.99 19.33
C THR C 100 -14.03 -18.19 20.11
N PHE C 101 -15.03 -17.68 19.39
CA PHE C 101 -16.09 -16.87 20.00
C PHE C 101 -17.47 -17.49 19.77
N GLY C 102 -18.34 -17.33 20.75
CA GLY C 102 -19.70 -17.82 20.61
C GLY C 102 -20.33 -16.90 19.59
N GLN C 103 -21.53 -17.21 19.09
CA GLN C 103 -22.14 -16.35 18.10
C GLN C 103 -22.84 -15.13 18.70
N GLY C 104 -22.80 -15.02 20.03
CA GLY C 104 -23.42 -13.88 20.69
C GLY C 104 -24.87 -13.99 21.07
N THR C 105 -25.23 -13.33 22.16
CA THR C 105 -26.60 -13.31 22.64
C THR C 105 -27.02 -11.86 22.84
N LYS C 106 -28.14 -11.50 22.25
CA LYS C 106 -28.65 -10.15 22.36
C LYS C 106 -29.68 -10.04 23.48
N VAL C 107 -29.41 -9.17 24.45
CA VAL C 107 -30.34 -8.96 25.54
C VAL C 107 -31.18 -7.76 25.11
N GLU C 108 -32.43 -8.05 24.78
CA GLU C 108 -33.38 -7.06 24.30
C GLU C 108 -34.40 -6.61 25.36
N ILE C 109 -34.97 -5.44 25.16
CA ILE C 109 -35.96 -4.90 26.08
C ILE C 109 -37.30 -5.49 25.71
N LYS C 110 -37.89 -6.21 26.64
CA LYS C 110 -39.17 -6.84 26.37
C LYS C 110 -40.32 -5.87 26.57
N ARG C 111 -41.34 -6.03 25.76
CA ARG C 111 -42.54 -5.20 25.87
C ARG C 111 -43.71 -5.98 25.31
N THR C 112 -44.87 -5.35 25.23
CA THR C 112 -46.06 -6.02 24.70
C THR C 112 -46.06 -6.08 23.18
N VAL C 113 -46.80 -7.03 22.65
CA VAL C 113 -46.90 -7.18 21.20
C VAL C 113 -47.48 -5.91 20.61
N ALA C 114 -46.99 -5.52 19.45
CA ALA C 114 -47.47 -4.33 18.75
C ALA C 114 -47.40 -4.59 17.24
N ALA C 115 -48.54 -4.53 16.56
CA ALA C 115 -48.55 -4.76 15.12
C ALA C 115 -47.97 -3.55 14.41
N PRO C 116 -47.30 -3.75 13.27
CA PRO C 116 -46.74 -2.60 12.57
C PRO C 116 -47.81 -1.80 11.84
N SER C 117 -47.51 -0.53 11.57
CA SER C 117 -48.39 0.31 10.80
C SER C 117 -47.63 0.25 9.49
N VAL C 118 -48.30 -0.09 8.40
CA VAL C 118 -47.64 -0.24 7.11
C VAL C 118 -47.95 0.88 6.13
N PHE C 119 -46.92 1.27 5.38
CA PHE C 119 -47.05 2.33 4.39
C PHE C 119 -46.28 1.90 3.16
N ILE C 120 -46.80 2.22 1.98
CA ILE C 120 -46.09 1.89 0.75
C ILE C 120 -45.83 3.19 0.02
N PHE C 121 -44.63 3.32 -0.55
CA PHE C 121 -44.23 4.52 -1.26
C PHE C 121 -43.83 4.17 -2.69
N PRO C 122 -44.48 4.80 -3.68
CA PRO C 122 -44.12 4.50 -5.06
C PRO C 122 -42.86 5.27 -5.40
N PRO C 123 -42.20 4.91 -6.51
CA PRO C 123 -40.98 5.64 -6.89
C PRO C 123 -41.38 7.10 -7.13
N SER C 124 -40.50 8.03 -6.78
CA SER C 124 -40.80 9.44 -7.01
C SER C 124 -40.61 9.70 -8.50
N ASP C 125 -41.30 10.68 -9.05
CA ASP C 125 -41.13 10.99 -10.46
C ASP C 125 -39.68 11.42 -10.69
N GLU C 126 -39.12 12.08 -9.68
CA GLU C 126 -37.74 12.53 -9.75
C GLU C 126 -36.81 11.35 -10.06
N GLN C 127 -37.02 10.23 -9.36
CA GLN C 127 -36.18 9.05 -9.59
C GLN C 127 -36.43 8.43 -10.95
N LEU C 128 -37.70 8.33 -11.34
CA LEU C 128 -38.03 7.74 -12.61
C LEU C 128 -37.32 8.49 -13.74
N LYS C 129 -37.17 9.80 -13.59
CA LYS C 129 -36.48 10.59 -14.60
C LYS C 129 -35.01 10.20 -14.72
N SER C 130 -34.45 9.63 -13.65
CA SER C 130 -33.05 9.23 -13.67
C SER C 130 -32.88 7.80 -14.21
N GLY C 131 -33.99 7.08 -14.40
CA GLY C 131 -33.90 5.74 -14.95
C GLY C 131 -34.14 4.55 -14.05
N THR C 132 -34.22 4.77 -12.74
CA THR C 132 -34.45 3.68 -11.80
C THR C 132 -35.78 3.81 -11.08
N ALA C 133 -36.21 2.73 -10.45
CA ALA C 133 -37.46 2.72 -9.70
C ALA C 133 -37.25 1.98 -8.39
N SER C 134 -37.49 2.69 -7.29
CA SER C 134 -37.37 2.10 -5.96
C SER C 134 -38.75 2.17 -5.33
N VAL C 135 -39.30 1.02 -4.97
CA VAL C 135 -40.61 0.97 -4.33
C VAL C 135 -40.30 0.65 -2.88
N VAL C 136 -40.84 1.44 -1.95
CA VAL C 136 -40.56 1.26 -0.53
C VAL C 136 -41.77 0.89 0.30
N CYS C 137 -41.56 -0.07 1.20
CA CYS C 137 -42.60 -0.52 2.12
C CYS C 137 -42.06 -0.28 3.52
N LEU C 138 -42.82 0.46 4.32
CA LEU C 138 -42.42 0.78 5.68
C LEU C 138 -43.29 0.08 6.71
N LEU C 139 -42.65 -0.58 7.67
CA LEU C 139 -43.34 -1.28 8.76
C LEU C 139 -42.92 -0.49 9.99
N ASN C 140 -43.87 0.26 10.54
CA ASN C 140 -43.57 1.13 11.68
C ASN C 140 -43.98 0.67 13.08
N ASN C 141 -43.04 0.84 14.00
CA ASN C 141 -43.21 0.56 15.42
C ASN C 141 -43.91 -0.75 15.80
N PHE C 142 -43.25 -1.87 15.55
CA PHE C 142 -43.82 -3.16 15.88
C PHE C 142 -42.95 -3.90 16.88
N TYR C 143 -43.53 -4.95 17.44
CA TYR C 143 -42.84 -5.80 18.40
C TYR C 143 -43.66 -7.08 18.49
N PRO C 144 -42.99 -8.25 18.51
CA PRO C 144 -41.54 -8.36 18.46
C PRO C 144 -40.91 -8.07 17.11
N ARG C 145 -39.61 -8.30 17.03
CA ARG C 145 -38.86 -8.02 15.82
C ARG C 145 -39.08 -8.83 14.55
N GLU C 146 -39.39 -10.11 14.69
CA GLU C 146 -39.58 -10.90 13.49
C GLU C 146 -40.81 -10.41 12.74
N ALA C 147 -40.61 -10.18 11.45
CA ALA C 147 -41.66 -9.71 10.56
C ALA C 147 -41.26 -10.19 9.19
N LYS C 148 -42.23 -10.32 8.30
CA LYS C 148 -41.94 -10.74 6.94
C LYS C 148 -42.66 -9.86 5.93
N VAL C 149 -41.95 -9.49 4.87
CA VAL C 149 -42.52 -8.67 3.82
C VAL C 149 -42.45 -9.46 2.51
N GLN C 150 -43.56 -9.46 1.78
CA GLN C 150 -43.64 -10.16 0.49
C GLN C 150 -44.05 -9.14 -0.55
N TRP C 151 -43.25 -9.04 -1.61
CA TRP C 151 -43.54 -8.10 -2.68
C TRP C 151 -44.22 -8.77 -3.85
N LYS C 152 -45.27 -8.13 -4.37
CA LYS C 152 -45.97 -8.64 -5.54
C LYS C 152 -46.18 -7.54 -6.57
N VAL C 153 -45.91 -7.86 -7.83
CA VAL C 153 -46.06 -6.93 -8.94
C VAL C 153 -47.02 -7.61 -9.91
N ASP C 154 -48.23 -7.10 -9.98
CA ASP C 154 -49.27 -7.69 -10.82
C ASP C 154 -49.44 -9.15 -10.46
N ASN C 155 -49.45 -9.40 -9.16
CA ASN C 155 -49.62 -10.75 -8.61
C ASN C 155 -48.44 -11.70 -8.71
N ALA C 156 -47.31 -11.20 -9.22
CA ALA C 156 -46.11 -12.01 -9.39
C ALA C 156 -45.16 -11.82 -8.22
N LEU C 157 -45.00 -12.88 -7.43
CA LEU C 157 -44.12 -12.89 -6.27
C LEU C 157 -42.70 -12.43 -6.72
N GLN C 158 -42.13 -11.45 -6.04
CA GLN C 158 -40.79 -10.93 -6.30
C GLN C 158 -39.79 -11.60 -5.42
N SER C 159 -38.77 -12.14 -6.02
CA SER C 159 -37.71 -12.79 -5.29
C SER C 159 -36.31 -12.43 -5.78
N GLY C 160 -35.48 -11.94 -4.85
CA GLY C 160 -34.11 -11.58 -5.19
C GLY C 160 -33.88 -10.12 -5.55
N ASN C 161 -34.94 -9.33 -5.63
CA ASN C 161 -34.77 -7.93 -6.00
C ASN C 161 -35.25 -6.93 -4.95
N SER C 162 -35.14 -7.31 -3.68
CA SER C 162 -35.50 -6.43 -2.58
C SER C 162 -34.51 -6.59 -1.43
N GLN C 163 -34.38 -5.54 -0.63
CA GLN C 163 -33.50 -5.55 0.53
C GLN C 163 -34.22 -4.79 1.63
N GLU C 164 -33.87 -5.09 2.87
CA GLU C 164 -34.50 -4.43 3.99
C GLU C 164 -33.52 -4.24 5.13
N SER C 165 -33.84 -3.33 6.03
CA SER C 165 -33.00 -3.10 7.19
C SER C 165 -33.93 -2.71 8.34
N VAL C 166 -33.44 -2.90 9.55
CA VAL C 166 -34.24 -2.66 10.74
C VAL C 166 -33.55 -1.77 11.76
N THR C 167 -34.32 -0.91 12.40
CA THR C 167 -33.78 0.00 13.41
C THR C 167 -33.58 -0.75 14.72
N GLU C 168 -32.83 -0.15 15.63
CA GLU C 168 -32.60 -0.70 16.95
C GLU C 168 -33.84 -0.30 17.72
N GLN C 169 -34.11 -0.98 18.83
CA GLN C 169 -35.27 -0.68 19.64
C GLN C 169 -35.41 0.81 19.93
N ASP C 170 -36.60 1.34 19.71
CA ASP C 170 -36.86 2.75 19.94
C ASP C 170 -36.64 3.10 21.42
N SER C 171 -35.80 4.10 21.65
CA SER C 171 -35.45 4.54 23.00
C SER C 171 -36.62 4.86 23.93
N LYS C 172 -37.80 5.11 23.38
CA LYS C 172 -38.93 5.41 24.23
C LYS C 172 -40.04 4.35 24.29
N ASP C 173 -40.44 3.80 23.14
CA ASP C 173 -41.48 2.78 23.19
C ASP C 173 -40.99 1.34 22.98
N SER C 174 -39.68 1.18 22.81
CA SER C 174 -39.07 -0.13 22.66
C SER C 174 -39.52 -0.97 21.45
N THR C 175 -40.07 -0.31 20.43
CA THR C 175 -40.50 -1.04 19.25
C THR C 175 -39.41 -1.03 18.16
N TYR C 176 -39.69 -1.68 17.05
CA TYR C 176 -38.76 -1.76 15.92
C TYR C 176 -39.49 -1.21 14.73
N SER C 177 -38.73 -0.81 13.72
CA SER C 177 -39.29 -0.33 12.47
C SER C 177 -38.44 -0.98 11.40
N LEU C 178 -39.05 -1.25 10.25
CA LEU C 178 -38.34 -1.91 9.17
C LEU C 178 -38.70 -1.30 7.83
N SER C 179 -37.71 -1.20 6.97
CA SER C 179 -37.90 -0.64 5.64
C SER C 179 -37.49 -1.70 4.63
N SER C 180 -38.33 -1.92 3.64
CA SER C 180 -38.04 -2.89 2.58
C SER C 180 -38.11 -2.14 1.26
N THR C 181 -37.07 -2.29 0.43
CA THR C 181 -37.00 -1.62 -0.85
C THR C 181 -36.95 -2.60 -2.01
N LEU C 182 -37.87 -2.42 -2.95
CA LEU C 182 -37.95 -3.24 -4.15
C LEU C 182 -37.30 -2.43 -5.26
N THR C 183 -36.28 -2.99 -5.89
CA THR C 183 -35.59 -2.31 -6.98
C THR C 183 -36.02 -2.85 -8.33
N LEU C 184 -36.41 -1.95 -9.22
CA LEU C 184 -36.84 -2.32 -10.55
C LEU C 184 -36.27 -1.37 -11.56
N SER C 185 -36.11 -1.84 -12.78
CA SER C 185 -35.62 -0.98 -13.84
C SER C 185 -36.86 -0.14 -14.12
N LYS C 186 -36.65 1.04 -14.67
CA LYS C 186 -37.76 1.92 -14.99
C LYS C 186 -38.65 1.26 -16.05
N ALA C 187 -38.02 0.58 -17.01
CA ALA C 187 -38.74 -0.09 -18.08
C ALA C 187 -39.78 -1.05 -17.51
N ASP C 188 -39.35 -1.89 -16.57
CA ASP C 188 -40.25 -2.86 -15.95
C ASP C 188 -41.32 -2.20 -15.10
N TYR C 189 -40.91 -1.22 -14.29
CA TYR C 189 -41.86 -0.53 -13.45
C TYR C 189 -43.02 -0.05 -14.31
N GLU C 190 -42.68 0.56 -15.45
CA GLU C 190 -43.68 1.10 -16.38
C GLU C 190 -44.56 0.02 -17.02
N LYS C 191 -44.10 -1.22 -17.00
CA LYS C 191 -44.85 -2.32 -17.62
C LYS C 191 -45.90 -2.95 -16.72
N HIS C 192 -45.80 -2.71 -15.42
CA HIS C 192 -46.77 -3.30 -14.54
C HIS C 192 -47.62 -2.27 -13.89
N LYS C 193 -48.71 -2.72 -13.28
CA LYS C 193 -49.66 -1.82 -12.69
C LYS C 193 -49.84 -1.85 -11.18
N VAL C 194 -50.13 -3.03 -10.63
CA VAL C 194 -50.35 -3.13 -9.20
C VAL C 194 -49.11 -3.58 -8.42
N TYR C 195 -48.70 -2.73 -7.50
CA TYR C 195 -47.55 -2.97 -6.64
C TYR C 195 -48.06 -3.17 -5.24
N ALA C 196 -47.76 -4.34 -4.67
CA ALA C 196 -48.23 -4.65 -3.34
C ALA C 196 -47.16 -5.13 -2.39
N CYS C 197 -47.31 -4.71 -1.14
CA CYS C 197 -46.41 -5.10 -0.07
C CYS C 197 -47.28 -5.84 0.94
N GLU C 198 -47.06 -7.14 1.09
CA GLU C 198 -47.85 -7.91 2.04
C GLU C 198 -47.01 -8.16 3.29
N VAL C 199 -47.53 -7.76 4.45
CA VAL C 199 -46.81 -7.91 5.71
C VAL C 199 -47.41 -8.90 6.67
N THR C 200 -46.54 -9.75 7.21
CA THR C 200 -46.92 -10.78 8.16
C THR C 200 -46.23 -10.48 9.49
N HIS C 201 -47.01 -10.45 10.56
CA HIS C 201 -46.48 -10.18 11.90
C HIS C 201 -47.40 -10.71 12.99
N GLN C 202 -46.80 -11.04 14.13
CA GLN C 202 -47.52 -11.57 15.30
C GLN C 202 -48.72 -10.74 15.71
N GLY C 203 -48.57 -9.42 15.66
CA GLY C 203 -49.66 -8.53 16.04
C GLY C 203 -50.81 -8.50 15.06
N LEU C 204 -50.56 -8.97 13.85
CA LEU C 204 -51.60 -8.99 12.81
C LEU C 204 -52.27 -10.35 12.81
N ARG C 205 -53.58 -10.37 13.02
CA ARG C 205 -54.32 -11.62 13.05
C ARG C 205 -54.27 -12.30 11.69
N SER C 206 -54.17 -11.50 10.63
CA SER C 206 -54.05 -11.99 9.26
C SER C 206 -53.18 -10.95 8.54
N PRO C 207 -52.43 -11.38 7.51
CA PRO C 207 -51.57 -10.45 6.77
C PRO C 207 -52.19 -9.17 6.23
N VAL C 208 -51.42 -8.09 6.30
CA VAL C 208 -51.86 -6.80 5.80
C VAL C 208 -51.15 -6.49 4.50
N THR C 209 -51.92 -6.01 3.54
CA THR C 209 -51.38 -5.66 2.24
C THR C 209 -51.64 -4.19 1.93
N LYS C 210 -50.59 -3.52 1.50
CA LYS C 210 -50.68 -2.13 1.09
C LYS C 210 -50.26 -2.14 -0.35
N SER C 211 -51.00 -1.45 -1.19
CA SER C 211 -50.65 -1.44 -2.60
C SER C 211 -51.05 -0.14 -3.24
N PHE C 212 -50.66 0.00 -4.49
CA PHE C 212 -51.03 1.16 -5.26
C PHE C 212 -51.00 0.75 -6.71
N ASN C 213 -51.69 1.52 -7.54
CA ASN C 213 -51.78 1.28 -8.98
C ASN C 213 -50.93 2.32 -9.67
N ARG C 214 -49.98 1.88 -10.50
CA ARG C 214 -49.14 2.83 -11.19
C ARG C 214 -49.99 3.83 -11.96
N LEU D 1 -5.70 3.95 31.82
CA LEU D 1 -4.24 3.72 31.85
C LEU D 1 -3.76 2.90 30.64
N ILE D 2 -4.22 1.67 30.52
CA ILE D 2 -3.84 0.85 29.38
C ILE D 2 -4.63 1.36 28.19
N ASN D 3 -3.95 1.50 27.05
CA ASN D 3 -4.61 2.00 25.86
C ASN D 3 -4.03 1.37 24.60
N LEU D 4 -4.90 1.11 23.63
CA LEU D 4 -4.51 0.53 22.35
C LEU D 4 -5.16 1.40 21.30
N VAL D 5 -4.34 2.07 20.49
CA VAL D 5 -4.87 2.95 19.46
C VAL D 5 -4.56 2.42 18.08
N GLU D 6 -5.60 2.15 17.30
CA GLU D 6 -5.44 1.61 15.96
C GLU D 6 -5.52 2.69 14.89
N SER D 7 -5.00 2.35 13.72
CA SER D 7 -5.01 3.23 12.56
C SER D 7 -4.61 2.34 11.39
N GLY D 8 -4.77 2.86 10.18
CA GLY D 8 -4.41 2.09 9.01
C GLY D 8 -5.59 1.65 8.18
N GLY D 9 -6.78 1.63 8.78
CA GLY D 9 -7.96 1.22 8.04
C GLY D 9 -8.20 2.15 6.86
N GLY D 10 -9.01 1.70 5.91
CA GLY D 10 -9.28 2.54 4.77
C GLY D 10 -10.09 1.81 3.72
N VAL D 11 -10.53 2.55 2.73
CA VAL D 11 -11.31 1.99 1.63
C VAL D 11 -10.32 1.59 0.58
N VAL D 12 -10.44 0.38 0.06
CA VAL D 12 -9.52 -0.06 -0.96
C VAL D 12 -10.17 -1.04 -1.93
N GLN D 13 -9.61 -1.13 -3.12
CA GLN D 13 -10.10 -2.03 -4.14
C GLN D 13 -9.55 -3.43 -3.93
N PRO D 14 -10.24 -4.44 -4.46
CA PRO D 14 -9.78 -5.83 -4.31
C PRO D 14 -8.39 -5.99 -4.94
N GLY D 15 -7.58 -6.84 -4.34
CA GLY D 15 -6.24 -7.10 -4.86
C GLY D 15 -5.17 -6.19 -4.26
N ARG D 16 -5.60 -5.08 -3.66
CA ARG D 16 -4.67 -4.14 -3.08
C ARG D 16 -4.31 -4.47 -1.64
N SER D 17 -3.44 -3.64 -1.05
CA SER D 17 -2.99 -3.87 0.31
C SER D 17 -3.34 -2.74 1.28
N LEU D 18 -3.22 -3.06 2.55
CA LEU D 18 -3.45 -2.11 3.63
C LEU D 18 -2.56 -2.58 4.76
N ARG D 19 -2.23 -1.66 5.66
CA ARG D 19 -1.40 -2.05 6.79
C ARG D 19 -1.93 -1.40 8.04
N LEU D 20 -2.38 -2.23 8.97
CA LEU D 20 -2.94 -1.78 10.22
C LEU D 20 -1.89 -1.65 11.31
N SER D 21 -2.09 -0.67 12.20
CA SER D 21 -1.19 -0.45 13.32
C SER D 21 -2.03 -0.33 14.58
N CYS D 22 -1.47 -0.81 15.68
CA CYS D 22 -2.12 -0.74 16.98
C CYS D 22 -1.01 -0.32 17.91
N ALA D 23 -1.10 0.91 18.43
CA ALA D 23 -0.09 1.45 19.34
C ALA D 23 -0.55 1.25 20.78
N ALA D 24 0.30 0.61 21.58
CA ALA D 24 -0.02 0.31 22.96
C ALA D 24 0.68 1.22 23.96
N SER D 25 0.02 1.44 25.09
CA SER D 25 0.60 2.29 26.14
C SER D 25 -0.03 1.88 27.44
N GLY D 26 0.67 2.13 28.55
CA GLY D 26 0.12 1.79 29.85
C GLY D 26 0.44 0.42 30.41
N PHE D 27 1.22 -0.38 29.68
CA PHE D 27 1.60 -1.70 30.16
C PHE D 27 2.91 -2.09 29.50
N THR D 28 3.57 -3.11 30.03
CA THR D 28 4.82 -3.55 29.44
C THR D 28 4.45 -4.42 28.22
N PHE D 29 4.34 -3.74 27.08
CA PHE D 29 3.96 -4.37 25.81
C PHE D 29 4.69 -5.66 25.51
N SER D 30 6.02 -5.64 25.62
CA SER D 30 6.84 -6.80 25.32
C SER D 30 6.51 -8.11 26.02
N ARG D 31 5.69 -8.11 27.06
CA ARG D 31 5.38 -9.40 27.66
C ARG D 31 3.99 -9.94 27.43
N TYR D 32 3.28 -9.36 26.46
CA TYR D 32 1.95 -9.85 26.15
C TYR D 32 1.78 -10.27 24.71
N GLY D 33 1.08 -11.38 24.54
CA GLY D 33 0.78 -11.85 23.20
C GLY D 33 -0.26 -10.86 22.75
N MET D 34 -0.27 -10.53 21.46
CA MET D 34 -1.23 -9.56 20.94
C MET D 34 -1.95 -10.17 19.74
N HIS D 35 -3.24 -9.85 19.62
CA HIS D 35 -4.05 -10.40 18.54
C HIS D 35 -4.84 -9.37 17.74
N TRP D 36 -5.35 -9.84 16.59
CA TRP D 36 -6.21 -9.05 15.73
C TRP D 36 -7.48 -9.88 15.69
N VAL D 37 -8.62 -9.20 15.86
CA VAL D 37 -9.93 -9.85 15.82
C VAL D 37 -10.78 -8.92 14.97
N ARG D 38 -11.59 -9.49 14.09
CA ARG D 38 -12.43 -8.66 13.23
C ARG D 38 -13.92 -8.95 13.41
N GLN D 39 -14.73 -8.02 12.91
CA GLN D 39 -16.18 -8.15 12.97
C GLN D 39 -16.74 -7.62 11.66
N ALA D 40 -17.20 -8.52 10.81
CA ALA D 40 -17.78 -8.14 9.54
C ALA D 40 -19.13 -7.51 9.83
N PRO D 41 -19.65 -6.69 8.90
CA PRO D 41 -20.93 -6.01 9.06
C PRO D 41 -22.09 -6.91 9.53
N GLY D 42 -22.68 -6.59 10.67
CA GLY D 42 -23.80 -7.36 11.17
C GLY D 42 -23.40 -8.73 11.68
N LYS D 43 -22.09 -8.94 11.81
CA LYS D 43 -21.58 -10.22 12.28
C LYS D 43 -21.06 -10.25 13.71
N GLY D 44 -20.62 -11.44 14.11
CA GLY D 44 -20.06 -11.63 15.44
C GLY D 44 -18.56 -11.45 15.37
N LEU D 45 -17.90 -11.62 16.51
CA LEU D 45 -16.45 -11.48 16.58
C LEU D 45 -15.77 -12.69 15.99
N GLU D 46 -14.70 -12.44 15.23
CA GLU D 46 -13.97 -13.51 14.57
C GLU D 46 -12.46 -13.31 14.71
N TRP D 47 -11.79 -14.27 15.34
CA TRP D 47 -10.34 -14.22 15.54
C TRP D 47 -9.58 -14.24 14.22
N VAL D 48 -8.52 -13.45 14.13
CA VAL D 48 -7.72 -13.35 12.90
C VAL D 48 -6.29 -13.87 12.99
N ALA D 49 -5.55 -13.40 13.99
CA ALA D 49 -4.17 -13.84 14.14
C ALA D 49 -3.56 -13.40 15.46
N VAL D 50 -2.42 -14.00 15.78
CA VAL D 50 -1.69 -13.67 17.01
C VAL D 50 -0.19 -13.70 16.80
N VAL D 51 0.51 -12.90 17.59
CA VAL D 51 1.96 -12.87 17.57
C VAL D 51 2.38 -12.91 19.04
N SER D 52 3.28 -13.84 19.37
CA SER D 52 3.75 -14.00 20.74
C SER D 52 4.37 -12.71 21.27
N SER D 53 4.49 -12.62 22.59
CA SER D 53 5.07 -11.44 23.22
C SER D 53 6.47 -11.09 22.70
N ASP D 54 7.26 -12.09 22.32
CA ASP D 54 8.60 -11.80 21.82
C ASP D 54 8.62 -11.61 20.30
N GLY D 55 7.45 -11.74 19.69
CA GLY D 55 7.31 -11.51 18.25
C GLY D 55 7.85 -12.54 17.28
N ARG D 56 8.27 -13.69 17.79
CA ARG D 56 8.83 -14.73 16.93
C ARG D 56 7.84 -15.78 16.44
N THR D 57 6.81 -16.09 17.23
CA THR D 57 5.85 -17.07 16.77
C THR D 57 4.48 -16.44 16.53
N THR D 58 3.91 -16.78 15.38
CA THR D 58 2.62 -16.28 14.94
C THR D 58 1.74 -17.46 14.58
N TYR D 59 0.44 -17.21 14.49
CA TYR D 59 -0.54 -18.22 14.10
C TYR D 59 -1.64 -17.42 13.41
N TYR D 60 -2.27 -18.02 12.39
CA TYR D 60 -3.30 -17.34 11.61
C TYR D 60 -4.57 -18.14 11.38
N ALA D 61 -5.69 -17.44 11.19
CA ALA D 61 -6.94 -18.11 10.88
C ALA D 61 -6.74 -18.59 9.43
N ASP D 62 -7.36 -19.69 9.07
CA ASP D 62 -7.19 -20.22 7.72
C ASP D 62 -7.51 -19.24 6.60
N SER D 63 -8.55 -18.43 6.78
CA SER D 63 -8.98 -17.47 5.76
C SER D 63 -7.98 -16.37 5.41
N VAL D 64 -6.98 -16.13 6.24
CA VAL D 64 -6.00 -15.06 5.95
C VAL D 64 -4.60 -15.56 5.64
N LYS D 65 -4.36 -16.86 5.81
CA LYS D 65 -3.04 -17.41 5.56
C LYS D 65 -2.45 -17.04 4.20
N GLY D 66 -1.19 -16.62 4.20
CA GLY D 66 -0.52 -16.27 2.97
C GLY D 66 -0.88 -14.90 2.41
N ARG D 67 -1.85 -14.23 3.02
CA ARG D 67 -2.25 -12.90 2.57
C ARG D 67 -1.92 -11.88 3.64
N PHE D 68 -2.21 -12.21 4.89
CA PHE D 68 -1.96 -11.31 6.00
C PHE D 68 -0.75 -11.76 6.80
N THR D 69 0.00 -10.78 7.29
CA THR D 69 1.16 -11.06 8.10
C THR D 69 1.07 -10.23 9.35
N ILE D 70 1.10 -10.89 10.51
CA ILE D 70 1.04 -10.16 11.74
C ILE D 70 2.46 -10.05 12.31
N SER D 71 2.76 -8.92 12.95
CA SER D 71 4.07 -8.72 13.52
C SER D 71 4.03 -7.61 14.53
N ARG D 72 5.14 -7.40 15.21
CA ARG D 72 5.23 -6.37 16.21
C ARG D 72 6.64 -5.78 16.26
N ASP D 73 6.73 -4.62 16.91
CA ASP D 73 8.00 -3.94 17.12
C ASP D 73 7.90 -3.50 18.56
N ASN D 74 8.46 -4.30 19.47
CA ASN D 74 8.40 -3.97 20.88
C ASN D 74 9.10 -2.68 21.25
N SER D 75 9.98 -2.20 20.37
CA SER D 75 10.68 -0.96 20.68
C SER D 75 9.72 0.22 20.51
N LYS D 76 8.70 0.02 19.69
CA LYS D 76 7.71 1.08 19.45
C LYS D 76 6.37 0.75 20.07
N ASN D 77 6.30 -0.35 20.81
CA ASN D 77 5.05 -0.77 21.44
C ASN D 77 3.94 -0.70 20.40
N THR D 78 4.20 -1.31 19.25
CA THR D 78 3.23 -1.31 18.17
C THR D 78 3.05 -2.68 17.54
N LEU D 79 1.80 -3.00 17.29
CA LEU D 79 1.41 -4.28 16.67
C LEU D 79 0.99 -3.94 15.23
N TYR D 80 1.30 -4.82 14.29
CA TYR D 80 0.95 -4.58 12.89
C TYR D 80 0.23 -5.73 12.22
N LEU D 81 -0.46 -5.41 11.13
CA LEU D 81 -1.13 -6.42 10.33
C LEU D 81 -1.02 -5.99 8.87
N GLN D 82 -0.13 -6.64 8.13
CA GLN D 82 0.05 -6.34 6.71
C GLN D 82 -1.05 -7.14 6.05
N MET D 83 -1.89 -6.47 5.28
CA MET D 83 -3.01 -7.14 4.63
C MET D 83 -2.88 -7.07 3.12
N ASN D 84 -2.44 -8.16 2.49
CA ASN D 84 -2.30 -8.18 1.05
C ASN D 84 -3.43 -8.95 0.37
N SER D 85 -3.52 -8.78 -0.95
CA SER D 85 -4.53 -9.48 -1.75
C SER D 85 -5.91 -9.43 -1.08
N LEU D 86 -6.30 -8.23 -0.66
CA LEU D 86 -7.58 -8.05 -0.01
C LEU D 86 -8.74 -8.38 -0.96
N ARG D 87 -9.83 -8.89 -0.40
CA ARG D 87 -11.01 -9.22 -1.18
C ARG D 87 -12.23 -8.68 -0.45
N ALA D 88 -13.34 -8.57 -1.18
CA ALA D 88 -14.57 -8.04 -0.63
C ALA D 88 -14.97 -8.62 0.73
N GLU D 89 -14.79 -9.92 0.91
CA GLU D 89 -15.17 -10.56 2.16
C GLU D 89 -14.33 -10.16 3.35
N ASP D 90 -13.20 -9.52 3.13
CA ASP D 90 -12.36 -9.09 4.23
C ASP D 90 -12.94 -7.84 4.88
N THR D 91 -13.91 -7.22 4.22
CA THR D 91 -14.52 -6.00 4.74
C THR D 91 -14.99 -6.19 6.19
N ALA D 92 -14.51 -5.35 7.09
CA ALA D 92 -14.87 -5.48 8.50
C ALA D 92 -14.14 -4.48 9.36
N VAL D 93 -14.53 -4.42 10.63
CA VAL D 93 -13.87 -3.56 11.59
C VAL D 93 -12.82 -4.49 12.20
N PHE D 94 -11.58 -4.04 12.26
CA PHE D 94 -10.51 -4.86 12.83
C PHE D 94 -10.09 -4.29 14.16
N TYR D 95 -10.09 -5.15 15.17
CA TYR D 95 -9.71 -4.77 16.52
C TYR D 95 -8.42 -5.44 16.91
N CYS D 96 -7.61 -4.76 17.72
CA CYS D 96 -6.43 -5.41 18.25
C CYS D 96 -6.83 -5.68 19.68
N ALA D 97 -6.32 -6.76 20.24
CA ALA D 97 -6.65 -7.15 21.60
C ALA D 97 -5.42 -7.67 22.30
N LYS D 98 -5.29 -7.30 23.58
CA LYS D 98 -4.17 -7.69 24.41
C LYS D 98 -4.52 -8.91 25.26
N GLU D 99 -3.63 -9.88 25.30
CA GLU D 99 -3.87 -11.06 26.13
C GLU D 99 -3.94 -10.60 27.58
N GLY D 100 -4.92 -11.14 28.30
CA GLY D 100 -5.14 -10.76 29.68
C GLY D 100 -3.97 -10.87 30.64
N GLY D 101 -3.91 -9.91 31.56
CA GLY D 101 -2.86 -9.89 32.56
C GLY D 101 -3.15 -10.89 33.67
N ASP D 102 -4.42 -10.99 34.05
CA ASP D 102 -4.84 -11.93 35.08
C ASP D 102 -5.01 -13.33 34.46
N ASN D 103 -5.60 -13.38 33.28
CA ASN D 103 -5.80 -14.64 32.56
C ASN D 103 -5.49 -14.38 31.09
N LYS D 104 -4.41 -14.96 30.61
CA LYS D 104 -4.01 -14.71 29.24
C LYS D 104 -4.88 -15.32 28.15
N PHE D 105 -5.86 -16.13 28.54
CA PHE D 105 -6.73 -16.73 27.55
C PHE D 105 -7.95 -15.85 27.30
N SER D 106 -7.92 -14.67 27.91
CA SER D 106 -8.98 -13.67 27.76
C SER D 106 -8.31 -12.44 27.13
N PHE D 107 -9.13 -11.50 26.68
CA PHE D 107 -8.64 -10.26 26.08
C PHE D 107 -9.11 -9.17 27.02
N ASP D 108 -8.21 -8.62 27.83
CA ASP D 108 -8.62 -7.60 28.78
C ASP D 108 -8.74 -6.20 28.22
N TYR D 109 -8.01 -5.91 27.14
CA TYR D 109 -8.08 -4.59 26.53
C TYR D 109 -8.19 -4.68 25.01
N TRP D 110 -9.00 -3.80 24.44
CA TRP D 110 -9.24 -3.80 23.00
C TRP D 110 -9.04 -2.44 22.34
N GLY D 111 -8.51 -2.45 21.12
CA GLY D 111 -8.35 -1.19 20.41
C GLY D 111 -9.74 -0.65 20.11
N GLN D 112 -9.83 0.59 19.64
CA GLN D 112 -11.14 1.17 19.34
C GLN D 112 -11.69 0.66 18.01
N GLY D 113 -10.86 -0.06 17.26
CA GLY D 113 -11.29 -0.60 15.98
C GLY D 113 -10.92 0.30 14.81
N THR D 114 -10.58 -0.30 13.68
CA THR D 114 -10.26 0.46 12.48
C THR D 114 -11.00 -0.27 11.34
N LEU D 115 -11.62 0.52 10.47
CA LEU D 115 -12.44 -0.01 9.38
C LEU D 115 -11.74 -0.38 8.07
N VAL D 116 -11.89 -1.62 7.66
CA VAL D 116 -11.31 -2.09 6.42
C VAL D 116 -12.43 -2.34 5.42
N THR D 117 -12.47 -1.53 4.37
CA THR D 117 -13.51 -1.66 3.35
C THR D 117 -12.90 -2.02 2.00
N VAL D 118 -13.21 -3.23 1.54
CA VAL D 118 -12.70 -3.70 0.26
C VAL D 118 -13.82 -3.65 -0.76
N SER D 119 -13.68 -2.74 -1.70
CA SER D 119 -14.68 -2.54 -2.74
C SER D 119 -14.05 -1.86 -3.95
N SER D 120 -14.61 -2.10 -5.12
CA SER D 120 -14.09 -1.49 -6.34
C SER D 120 -14.85 -0.20 -6.63
N ALA D 121 -16.03 -0.08 -6.04
CA ALA D 121 -16.86 1.11 -6.22
C ALA D 121 -16.03 2.34 -5.92
N SER D 122 -16.40 3.47 -6.52
CA SER D 122 -15.69 4.72 -6.30
C SER D 122 -16.54 5.74 -5.57
N THR D 123 -15.88 6.59 -4.79
CA THR D 123 -16.55 7.64 -4.03
C THR D 123 -17.62 8.35 -4.84
N LYS D 124 -18.83 8.43 -4.29
CA LYS D 124 -19.94 9.09 -4.98
C LYS D 124 -20.97 9.67 -4.02
N GLY D 125 -21.49 10.84 -4.36
CA GLY D 125 -22.48 11.49 -3.53
C GLY D 125 -23.86 10.87 -3.76
N PRO D 126 -24.75 10.94 -2.77
CA PRO D 126 -26.09 10.36 -2.91
C PRO D 126 -27.09 11.21 -3.68
N SER D 127 -28.13 10.56 -4.17
CA SER D 127 -29.24 11.24 -4.83
C SER D 127 -30.30 11.15 -3.75
N VAL D 128 -30.98 12.25 -3.46
CA VAL D 128 -32.01 12.23 -2.44
C VAL D 128 -33.39 12.33 -3.06
N PHE D 129 -34.18 11.27 -2.89
CA PHE D 129 -35.52 11.25 -3.45
C PHE D 129 -36.54 11.30 -2.33
N PRO D 130 -37.69 11.92 -2.59
CA PRO D 130 -38.74 12.03 -1.57
C PRO D 130 -39.56 10.76 -1.43
N LEU D 131 -40.05 10.51 -0.23
CA LEU D 131 -40.91 9.36 0.05
C LEU D 131 -42.20 10.02 0.54
N ALA D 132 -43.25 9.97 -0.29
CA ALA D 132 -44.53 10.58 0.07
C ALA D 132 -45.72 9.68 -0.28
N THR D 142 -51.63 7.65 11.63
CA THR D 142 -50.92 8.88 11.27
C THR D 142 -50.36 8.74 9.84
N ALA D 143 -49.73 9.80 9.35
CA ALA D 143 -49.17 9.79 7.99
C ALA D 143 -47.65 9.65 8.04
N ALA D 144 -47.08 9.00 7.03
CA ALA D 144 -45.64 8.80 6.97
C ALA D 144 -45.03 9.39 5.72
N LEU D 145 -43.81 9.89 5.84
CA LEU D 145 -43.08 10.45 4.72
C LEU D 145 -41.60 10.34 5.04
N GLY D 146 -40.76 10.51 4.03
CA GLY D 146 -39.34 10.41 4.28
C GLY D 146 -38.49 10.75 3.08
N CYS D 147 -37.23 10.33 3.16
CA CYS D 147 -36.27 10.55 2.10
C CYS D 147 -35.52 9.26 1.85
N LEU D 148 -35.27 8.98 0.59
CA LEU D 148 -34.52 7.81 0.16
C LEU D 148 -33.16 8.37 -0.24
N VAL D 149 -32.13 8.08 0.55
CA VAL D 149 -30.78 8.54 0.27
C VAL D 149 -30.10 7.40 -0.47
N LYS D 150 -30.14 7.49 -1.80
CA LYS D 150 -29.65 6.42 -2.65
C LYS D 150 -28.36 6.58 -3.42
N ASP D 151 -27.72 5.43 -3.64
CA ASP D 151 -26.48 5.31 -4.40
C ASP D 151 -25.29 6.17 -3.98
N TYR D 152 -24.80 5.95 -2.77
CA TYR D 152 -23.64 6.69 -2.30
C TYR D 152 -22.54 5.70 -1.89
N PHE D 153 -21.32 6.22 -1.80
CA PHE D 153 -20.16 5.41 -1.41
C PHE D 153 -19.05 6.38 -1.04
N PRO D 154 -18.37 6.14 0.09
CA PRO D 154 -18.59 5.02 1.01
C PRO D 154 -19.45 5.53 2.16
N GLU D 155 -19.67 4.67 3.16
CA GLU D 155 -20.43 5.09 4.33
C GLU D 155 -19.57 6.14 5.01
N PRO D 156 -20.17 6.99 5.83
CA PRO D 156 -21.60 7.03 6.16
C PRO D 156 -22.23 8.34 5.66
N VAL D 157 -23.52 8.47 5.91
CA VAL D 157 -24.26 9.68 5.59
C VAL D 157 -25.05 9.94 6.85
N THR D 158 -25.34 11.20 7.12
CA THR D 158 -26.15 11.50 8.28
C THR D 158 -27.40 12.14 7.71
N VAL D 159 -28.51 11.97 8.43
CA VAL D 159 -29.77 12.54 8.02
C VAL D 159 -30.40 13.10 9.27
N SER D 160 -30.92 14.32 9.16
CA SER D 160 -31.59 14.96 10.26
C SER D 160 -32.81 15.57 9.60
N TRP D 161 -33.80 15.94 10.39
CA TRP D 161 -35.00 16.54 9.82
C TRP D 161 -35.21 17.95 10.33
N ASN D 162 -35.54 18.85 9.40
CA ASN D 162 -35.78 20.25 9.72
C ASN D 162 -34.65 20.80 10.57
N SER D 163 -33.43 20.67 10.06
CA SER D 163 -32.23 21.14 10.74
C SER D 163 -32.11 20.62 12.17
N GLY D 164 -32.48 19.37 12.38
CA GLY D 164 -32.38 18.77 13.69
C GLY D 164 -33.38 19.24 14.73
N ALA D 165 -34.44 19.92 14.30
CA ALA D 165 -35.46 20.40 15.22
C ALA D 165 -36.62 19.42 15.27
N LEU D 166 -36.58 18.41 14.40
CA LEU D 166 -37.63 17.39 14.36
C LEU D 166 -36.97 16.04 14.64
N THR D 167 -37.25 15.49 15.82
CA THR D 167 -36.66 14.22 16.23
C THR D 167 -37.66 13.12 16.57
N SER D 168 -38.83 13.49 17.07
CA SER D 168 -39.82 12.50 17.44
C SER D 168 -40.53 11.92 16.21
N GLY D 169 -40.65 10.59 16.20
CA GLY D 169 -41.29 9.91 15.09
C GLY D 169 -40.35 9.65 13.93
N VAL D 170 -39.07 9.97 14.10
CA VAL D 170 -38.06 9.77 13.07
C VAL D 170 -37.41 8.40 13.17
N HIS D 171 -37.28 7.73 12.03
CA HIS D 171 -36.57 6.46 12.00
C HIS D 171 -35.64 6.53 10.81
N THR D 172 -34.35 6.49 11.08
CA THR D 172 -33.36 6.51 10.02
C THR D 172 -32.78 5.11 10.04
N PHE D 173 -33.05 4.37 8.98
CA PHE D 173 -32.63 2.98 8.85
C PHE D 173 -31.17 2.76 8.54
N PRO D 174 -30.66 1.58 8.92
CA PRO D 174 -29.26 1.24 8.67
C PRO D 174 -29.08 1.20 7.15
N ALA D 175 -27.93 1.66 6.68
CA ALA D 175 -27.66 1.65 5.26
C ALA D 175 -27.67 0.21 4.76
N VAL D 176 -27.97 0.06 3.48
CA VAL D 176 -28.02 -1.24 2.82
C VAL D 176 -27.03 -1.22 1.66
N LEU D 177 -26.18 -2.25 1.56
CA LEU D 177 -25.22 -2.32 0.47
C LEU D 177 -25.90 -2.98 -0.72
N GLN D 178 -26.09 -2.21 -1.79
CA GLN D 178 -26.76 -2.74 -2.98
C GLN D 178 -25.81 -3.57 -3.84
N SER D 179 -26.36 -4.36 -4.74
CA SER D 179 -25.54 -5.20 -5.61
C SER D 179 -24.67 -4.39 -6.55
N SER D 180 -24.87 -3.07 -6.60
CA SER D 180 -24.07 -2.22 -7.48
C SER D 180 -22.81 -1.80 -6.72
N GLY D 181 -22.76 -2.17 -5.44
CA GLY D 181 -21.62 -1.81 -4.62
C GLY D 181 -21.85 -0.46 -3.97
N LEU D 182 -22.99 0.14 -4.25
CA LEU D 182 -23.31 1.44 -3.68
C LEU D 182 -24.32 1.28 -2.54
N TYR D 183 -24.25 2.19 -1.57
CA TYR D 183 -25.15 2.15 -0.44
C TYR D 183 -26.44 2.90 -0.68
N SER D 184 -27.43 2.59 0.14
CA SER D 184 -28.73 3.21 0.08
C SER D 184 -29.33 3.18 1.47
N LEU D 185 -29.94 4.29 1.88
CA LEU D 185 -30.51 4.39 3.22
C LEU D 185 -31.79 5.22 3.22
N SER D 186 -32.78 4.77 3.99
CA SER D 186 -34.03 5.49 4.08
C SER D 186 -34.22 6.13 5.45
N SER D 187 -34.83 7.30 5.46
CA SER D 187 -35.12 7.99 6.70
C SER D 187 -36.57 8.44 6.60
N VAL D 188 -37.38 8.04 7.57
CA VAL D 188 -38.78 8.41 7.55
C VAL D 188 -39.21 9.06 8.86
N VAL D 189 -40.38 9.66 8.82
CA VAL D 189 -40.93 10.30 10.00
C VAL D 189 -42.45 10.21 9.87
N THR D 190 -43.11 9.93 10.99
CA THR D 190 -44.55 9.82 10.97
C THR D 190 -45.19 10.95 11.76
N VAL D 191 -46.36 11.34 11.30
CA VAL D 191 -47.17 12.39 11.92
C VAL D 191 -48.33 12.75 11.01
N GLN D 199 -47.53 22.67 7.79
CA GLN D 199 -46.17 22.49 8.30
C GLN D 199 -45.25 21.89 7.23
N THR D 200 -43.98 22.27 7.27
CA THR D 200 -42.99 21.82 6.29
C THR D 200 -41.98 20.77 6.78
N TYR D 201 -41.57 19.88 5.86
CA TYR D 201 -40.61 18.81 6.17
C TYR D 201 -39.42 18.74 5.23
N THR D 202 -38.23 18.92 5.81
CA THR D 202 -36.99 18.91 5.06
C THR D 202 -36.00 17.91 5.63
N CYS D 203 -35.43 17.05 4.78
CA CYS D 203 -34.43 16.13 5.26
C CYS D 203 -33.08 16.72 4.88
N ASN D 204 -32.22 16.88 5.88
CA ASN D 204 -30.88 17.43 5.71
C ASN D 204 -29.92 16.28 5.56
N VAL D 205 -29.47 16.06 4.32
CA VAL D 205 -28.56 14.96 4.03
C VAL D 205 -27.12 15.40 3.85
N ASP D 206 -26.21 14.75 4.55
CA ASP D 206 -24.79 15.10 4.47
C ASP D 206 -23.94 13.85 4.28
N HIS D 207 -23.10 13.88 3.25
CA HIS D 207 -22.20 12.78 2.94
C HIS D 207 -20.82 13.38 2.72
N LYS D 208 -20.06 13.47 3.80
CA LYS D 208 -18.73 14.05 3.76
C LYS D 208 -17.75 13.40 2.81
N PRO D 209 -17.72 12.06 2.75
CA PRO D 209 -16.77 11.47 1.82
C PRO D 209 -16.76 12.14 0.44
N SER D 210 -17.89 12.74 0.06
CA SER D 210 -17.98 13.42 -1.23
C SER D 210 -18.30 14.90 -1.07
N ASN D 211 -18.31 15.36 0.18
CA ASN D 211 -18.59 16.76 0.50
C ASN D 211 -19.98 17.13 -0.05
N THR D 212 -20.80 16.11 -0.27
CA THR D 212 -22.15 16.28 -0.79
C THR D 212 -23.15 16.61 0.30
N LYS D 213 -23.83 17.74 0.15
CA LYS D 213 -24.83 18.12 1.13
C LYS D 213 -26.12 18.56 0.44
N VAL D 214 -27.24 18.07 0.95
CA VAL D 214 -28.53 18.37 0.36
C VAL D 214 -29.64 18.52 1.38
N ASP D 215 -30.45 19.55 1.20
CA ASP D 215 -31.62 19.79 2.03
C ASP D 215 -32.77 19.52 1.09
N LYS D 216 -33.51 18.46 1.38
CA LYS D 216 -34.62 18.05 0.54
C LYS D 216 -35.97 18.27 1.20
N THR D 217 -36.72 19.23 0.69
CA THR D 217 -38.04 19.51 1.24
C THR D 217 -39.02 18.54 0.58
N VAL D 218 -39.63 17.69 1.39
CA VAL D 218 -40.57 16.67 0.91
C VAL D 218 -41.99 17.23 0.86
N GLU D 219 -42.54 17.30 -0.35
CA GLU D 219 -43.87 17.86 -0.57
C GLU D 219 -44.98 16.83 -0.75
C1 RAM E . 1.97 -14.14 -26.01
C2 RAM E . 2.88 -13.15 -26.76
C3 RAM E . 2.37 -11.72 -26.51
C4 RAM E . 2.41 -11.46 -24.99
C5 RAM E . 1.51 -12.52 -24.30
C6 RAM E . 1.55 -12.28 -22.79
O1 RAM E . 0.62 -14.02 -26.49
O2 RAM E . 4.21 -13.28 -26.27
O3 RAM E . 3.21 -10.78 -27.20
O4 RAM E . 1.93 -10.15 -24.71
O5 RAM E . 2.00 -13.85 -24.58
C1 RAM F . 1.27 -19.62 23.23
C2 RAM F . 0.16 -18.96 24.10
C3 RAM F . 0.43 -17.44 24.13
C4 RAM F . 0.40 -16.91 22.69
C5 RAM F . 1.50 -17.64 21.88
C6 RAM F . 1.49 -17.14 20.43
O1 RAM F . 2.55 -19.39 23.81
O2 RAM F . -1.13 -19.20 23.53
O3 RAM F . -0.58 -16.81 24.93
O4 RAM F . 0.65 -15.50 22.70
O5 RAM F . 1.25 -19.07 21.87
#